data_7URF
#
_entry.id   7URF
#
_cell.length_a   1.00
_cell.length_b   1.00
_cell.length_c   1.00
_cell.angle_alpha   90.00
_cell.angle_beta   90.00
_cell.angle_gamma   90.00
#
_symmetry.space_group_name_H-M   'P 1'
#
loop_
_entity.id
_entity.type
_entity.pdbx_description
1 polymer 'Protein-cysteine N-palmitoyltransferase HHAT'
2 polymer 'SHH-N peptide'
3 polymer '3H02 heavy chain'
4 polymer '3H02 light chain'
5 non-polymer 'PROTOPORPHYRIN IX CONTAINING FE'
6 non-polymer Palmitoyl-CoA
7 non-polymer Digitonin
#
loop_
_entity_poly.entity_id
_entity_poly.type
_entity_poly.pdbx_seq_one_letter_code
_entity_poly.pdbx_strand_id
1 'polypeptide(L)'
;MLPRWELALYLLASLGFHFYSFYEVYKVSREHEEELDQEFELETDTLFGGLKKDATDFEWSFWMEWGKQWLVWLLLGHMV
VSQMATLLARKHRPWILMLYGMWACWCVLGTPGVAMVLLHTTISFCVAQFRSQLLTWLCSLLLLSTLRLQGVEEVKRRWY
KTENEYYLLQFTLTVRCLYYTSFSLELCWQQLPAASTSYSFPWMLAYVFYYPVLHNGPILSFSEFIKQMQQQEHDSLKAS
LCVLALGLGRLLCWWWLAELMAHLMYMHAIYSSIPLLETVSCWTLGGLALAQVLFFYVKYLVLFGVPALLMRLDGLTPPA
LPRCVSTMFSFTGMWRYFDVGLHNFLIRYVYIPVGGSQHGLLGTLFSTAMTFAFVSYWCGGYDYLWCWAALNWLGVTVEN
GVRRLVETPCIQDSLARYFSPQARRRFHAALASCSTSMLILSNLVFLGGNEVGKTYWNRIFIQGWPWVTLSVLGFLYCYS
HVGIAWAQTYATDDYKDDDK
;
A
2 'polypeptide(L)' CGPGRGF B
3 'polypeptide(L)'
;MGWSCIILFLVATATGVHSQIQLVQSGPELKKPGETVKISCKASGYTFTNYGMNWVRQAPGKGLKWMGWINTYTGEPTYA
DDFKGRFAFSLETSASTAYLQINNLKDEDMATYFCARVWNYDYYFDYWGQGTTLTVSSASTKGPSVFPLAPSSKSTSGGT
AALGCLVKDYFPEPVTVSWNSGALTSGVHTFPAVLQSSGLYSLSSVVTVPSSSLGTQTYICNVNHKPSNTKVDKRVEPKS
CDKTHHHHHH
;
O
4 'polypeptide(L)'
;MGWSCIILFLVATARTGVHSDVLMTQTPLSLPVSLGDQVSISCRSSQSIVHSNGNTYLEWYLQKPGQSPKLLIYRVSNRF
SGVPDRFSGSGSGTDFTLKISRVEAEDLGVYYCFQGSHVPWTFGGGTKLEIKRTVAAPSVFIFPPSDEQLKSGTASVVCL
LNNFYPREAKVQWKVDNALQSGNSQESVTEQDSKDSTYSLSSTLTLSKADYEKHKVYACEVTHQGLSSPVTKSFNRGEC
;
P
#
# COMPACT_ATOMS: atom_id res chain seq x y z
N MET A 1 -27.86 -17.24 4.39
CA MET A 1 -27.29 -18.58 4.46
C MET A 1 -28.23 -19.62 3.84
N LEU A 2 -27.68 -20.47 3.00
CA LEU A 2 -28.42 -21.53 2.35
C LEU A 2 -28.38 -22.82 3.18
N PRO A 3 -29.31 -23.74 2.95
CA PRO A 3 -29.22 -25.04 3.61
C PRO A 3 -27.95 -25.78 3.21
N ARG A 4 -27.45 -26.58 4.15
CA ARG A 4 -26.15 -27.20 3.95
C ARG A 4 -26.18 -28.22 2.83
N TRP A 5 -27.31 -28.90 2.64
CA TRP A 5 -27.37 -29.86 1.53
C TRP A 5 -27.28 -29.15 0.19
N GLU A 6 -27.91 -27.98 0.08
CA GLU A 6 -27.79 -27.17 -1.14
C GLU A 6 -26.34 -26.74 -1.35
N LEU A 7 -25.71 -26.22 -0.30
CA LEU A 7 -24.32 -25.78 -0.43
C LEU A 7 -23.41 -26.95 -0.80
N ALA A 8 -23.70 -28.15 -0.28
CA ALA A 8 -22.89 -29.32 -0.57
C ALA A 8 -23.04 -29.75 -2.03
N LEU A 9 -24.27 -29.77 -2.54
CA LEU A 9 -24.46 -30.03 -3.96
C LEU A 9 -23.72 -29.02 -4.82
N TYR A 10 -23.71 -27.75 -4.43
CA TYR A 10 -23.01 -26.76 -5.21
C TYR A 10 -21.51 -27.02 -5.22
N LEU A 11 -20.92 -27.26 -4.05
CA LEU A 11 -19.49 -27.54 -3.98
C LEU A 11 -19.14 -28.81 -4.75
N LEU A 12 -20.03 -29.81 -4.70
CA LEU A 12 -19.79 -31.06 -5.41
C LEU A 12 -19.78 -30.85 -6.91
N ALA A 13 -20.75 -30.09 -7.44
CA ALA A 13 -20.75 -29.79 -8.87
C ALA A 13 -19.53 -28.99 -9.27
N SER A 14 -19.09 -28.07 -8.41
CA SER A 14 -17.90 -27.27 -8.71
C SER A 14 -16.67 -28.16 -8.86
N LEU A 15 -16.37 -28.96 -7.84
CA LEU A 15 -15.23 -29.87 -7.92
C LEU A 15 -15.37 -30.83 -9.09
N GLY A 16 -16.61 -31.25 -9.38
CA GLY A 16 -16.83 -32.18 -10.48
C GLY A 16 -16.42 -31.61 -11.81
N PHE A 17 -16.87 -30.38 -12.12
CA PHE A 17 -16.53 -29.85 -13.43
C PHE A 17 -15.06 -29.48 -13.51
N HIS A 18 -14.48 -28.99 -12.41
CA HIS A 18 -13.03 -28.78 -12.39
C HIS A 18 -12.27 -30.05 -12.79
N PHE A 19 -12.53 -31.14 -12.09
CA PHE A 19 -11.73 -32.36 -12.31
C PHE A 19 -12.04 -33.01 -13.65
N TYR A 20 -13.29 -32.97 -14.11
CA TYR A 20 -13.58 -33.55 -15.41
C TYR A 20 -12.93 -32.75 -16.54
N SER A 21 -12.90 -31.42 -16.40
CA SER A 21 -12.24 -30.62 -17.43
C SER A 21 -10.74 -30.86 -17.43
N PHE A 22 -10.14 -31.01 -16.23
CA PHE A 22 -8.73 -31.37 -16.18
C PHE A 22 -8.46 -32.71 -16.85
N TYR A 23 -9.34 -33.69 -16.64
CA TYR A 23 -9.16 -34.98 -17.28
C TYR A 23 -9.26 -34.88 -18.80
N GLU A 24 -10.20 -34.08 -19.30
CA GLU A 24 -10.32 -33.90 -20.74
C GLU A 24 -9.06 -33.26 -21.32
N VAL A 25 -8.51 -32.26 -20.64
CA VAL A 25 -7.29 -31.63 -21.12
C VAL A 25 -6.13 -32.61 -21.11
N TYR A 26 -6.04 -33.45 -20.07
CA TYR A 26 -5.00 -34.47 -20.03
C TYR A 26 -5.13 -35.43 -21.20
N LYS A 27 -6.36 -35.87 -21.49
CA LYS A 27 -6.60 -36.76 -22.63
C LYS A 27 -6.12 -36.14 -23.93
N VAL A 28 -6.53 -34.88 -24.19
CA VAL A 28 -6.14 -34.25 -25.45
C VAL A 28 -4.63 -34.05 -25.52
N SER A 29 -4.01 -33.71 -24.39
CA SER A 29 -2.55 -33.57 -24.38
C SER A 29 -1.86 -34.88 -24.75
N ARG A 30 -2.26 -35.97 -24.10
CA ARG A 30 -1.69 -37.27 -24.46
C ARG A 30 -1.95 -37.61 -25.92
N GLU A 31 -3.06 -37.14 -26.48
CA GLU A 31 -3.44 -37.53 -27.83
C GLU A 31 -2.72 -36.72 -28.91
N HIS A 32 -2.33 -35.48 -28.64
CA HIS A 32 -1.62 -34.67 -29.63
C HIS A 32 -0.15 -34.49 -29.27
N GLU A 33 0.43 -35.47 -28.58
CA GLU A 33 1.76 -35.30 -28.01
C GLU A 33 2.82 -35.16 -29.10
N GLU A 34 2.78 -36.01 -30.13
CA GLU A 34 3.87 -35.99 -31.10
C GLU A 34 3.78 -34.77 -32.02
N GLU A 35 2.57 -34.34 -32.39
CA GLU A 35 2.44 -33.11 -33.15
C GLU A 35 2.91 -31.91 -32.34
N LEU A 36 2.46 -31.81 -31.09
CA LEU A 36 2.90 -30.70 -30.25
C LEU A 36 4.41 -30.76 -30.02
N ASP A 37 4.99 -31.96 -30.05
CA ASP A 37 6.44 -32.08 -29.86
C ASP A 37 7.20 -31.61 -31.09
N GLN A 38 6.78 -32.04 -32.28
CA GLN A 38 7.48 -31.60 -33.48
C GLN A 38 7.25 -30.12 -33.76
N GLU A 39 6.21 -29.52 -33.20
CA GLU A 39 6.04 -28.08 -33.35
C GLU A 39 6.83 -27.32 -32.28
N PHE A 40 6.57 -27.60 -31.01
CA PHE A 40 7.28 -27.00 -29.89
C PHE A 40 8.03 -28.10 -29.16
N GLU A 41 9.32 -27.88 -28.92
CA GLU A 41 10.13 -28.91 -28.28
C GLU A 41 9.74 -29.07 -26.82
N LEU A 42 9.50 -30.31 -26.40
CA LEU A 42 9.08 -30.62 -25.04
C LEU A 42 10.26 -31.18 -24.26
N GLU A 43 10.38 -30.78 -23.00
CA GLU A 43 11.53 -31.19 -22.21
C GLU A 43 11.32 -32.57 -21.60
N THR A 44 12.42 -33.23 -21.30
CA THR A 44 12.41 -34.56 -20.70
C THR A 44 13.01 -34.51 -19.30
N ASP A 45 12.48 -35.32 -18.40
CA ASP A 45 13.00 -35.46 -17.05
C ASP A 45 12.35 -36.68 -16.41
N THR A 46 13.01 -37.19 -15.37
CA THR A 46 12.55 -38.37 -14.65
C THR A 46 11.71 -38.00 -13.43
N LEU A 47 11.21 -36.77 -13.36
CA LEU A 47 10.49 -36.33 -12.18
C LEU A 47 9.11 -36.95 -12.07
N PHE A 48 8.50 -37.32 -13.19
CA PHE A 48 7.13 -37.83 -13.20
C PHE A 48 7.02 -39.09 -14.05
N GLY A 49 7.95 -40.03 -13.85
CA GLY A 49 7.85 -41.34 -14.46
C GLY A 49 8.09 -41.41 -15.95
N GLY A 50 8.44 -40.31 -16.60
CA GLY A 50 8.73 -40.32 -18.02
C GLY A 50 7.85 -39.43 -18.87
N LEU A 51 6.85 -38.76 -18.30
CA LEU A 51 6.06 -37.81 -19.08
C LEU A 51 6.92 -36.61 -19.46
N LYS A 52 6.67 -36.08 -20.66
CA LYS A 52 7.36 -34.89 -21.13
C LYS A 52 6.72 -33.64 -20.53
N LYS A 53 7.51 -32.57 -20.47
CA LYS A 53 7.10 -31.32 -19.85
C LYS A 53 6.94 -30.24 -20.91
N ASP A 54 5.85 -29.49 -20.80
CA ASP A 54 5.61 -28.31 -21.63
C ASP A 54 6.35 -27.13 -21.02
N ALA A 55 7.41 -26.68 -21.68
CA ALA A 55 8.24 -25.57 -21.21
C ALA A 55 8.06 -24.34 -22.08
N THR A 56 6.82 -24.09 -22.52
CA THR A 56 6.55 -22.95 -23.40
C THR A 56 6.31 -21.67 -22.61
N ASP A 57 5.92 -21.78 -21.35
CA ASP A 57 5.64 -20.59 -20.56
C ASP A 57 6.92 -19.80 -20.32
N PHE A 58 6.99 -18.61 -20.92
CA PHE A 58 8.21 -17.82 -20.90
C PHE A 58 8.60 -17.45 -19.47
N GLU A 59 7.64 -16.95 -18.69
CA GLU A 59 7.97 -16.48 -17.34
C GLU A 59 8.47 -17.60 -16.45
N TRP A 60 7.78 -18.75 -16.47
CA TRP A 60 8.19 -19.87 -15.64
C TRP A 60 9.57 -20.38 -16.05
N SER A 61 9.78 -20.60 -17.35
CA SER A 61 11.09 -21.08 -17.80
C SER A 61 12.20 -20.08 -17.50
N PHE A 62 11.94 -18.79 -17.70
CA PHE A 62 12.94 -17.75 -17.50
C PHE A 62 13.35 -17.66 -16.03
N TRP A 63 12.36 -17.58 -15.13
CA TRP A 63 12.68 -17.45 -13.72
C TRP A 63 13.29 -18.72 -13.17
N MET A 64 12.88 -19.89 -13.65
CA MET A 64 13.49 -21.13 -13.16
C MET A 64 14.95 -21.24 -13.62
N GLU A 65 15.25 -20.88 -14.86
CA GLU A 65 16.63 -21.00 -15.31
C GLU A 65 17.52 -19.93 -14.67
N TRP A 66 16.95 -18.76 -14.34
CA TRP A 66 17.75 -17.78 -13.61
C TRP A 66 17.97 -18.20 -12.16
N GLY A 67 16.95 -18.78 -11.54
CA GLY A 67 17.06 -19.15 -10.14
C GLY A 67 17.94 -20.35 -9.89
N LYS A 68 17.93 -21.32 -10.81
CA LYS A 68 18.79 -22.48 -10.60
C LYS A 68 20.27 -22.14 -10.74
N GLN A 69 20.60 -20.99 -11.33
CA GLN A 69 21.98 -20.59 -11.54
C GLN A 69 22.47 -19.53 -10.57
N TRP A 70 21.73 -18.43 -10.41
CA TRP A 70 22.22 -17.31 -9.60
C TRP A 70 21.31 -16.95 -8.43
N LEU A 71 20.00 -16.89 -8.67
CA LEU A 71 19.13 -16.18 -7.76
C LEU A 71 18.98 -16.90 -6.42
N VAL A 72 18.94 -18.24 -6.43
CA VAL A 72 18.77 -18.95 -5.16
C VAL A 72 20.01 -18.75 -4.27
N TRP A 73 21.19 -18.75 -4.88
CA TRP A 73 22.41 -18.52 -4.10
C TRP A 73 22.48 -17.10 -3.59
N LEU A 74 22.08 -16.13 -4.40
CA LEU A 74 22.12 -14.74 -3.93
C LEU A 74 21.08 -14.49 -2.85
N LEU A 75 19.94 -15.18 -2.89
CA LEU A 75 18.94 -15.01 -1.84
C LEU A 75 19.38 -15.67 -0.54
N LEU A 76 20.03 -16.84 -0.63
CA LEU A 76 20.63 -17.43 0.57
C LEU A 76 21.71 -16.53 1.15
N GLY A 77 22.51 -15.91 0.30
CA GLY A 77 23.50 -14.96 0.77
C GLY A 77 22.87 -13.78 1.48
N HIS A 78 21.78 -13.25 0.93
CA HIS A 78 21.08 -12.17 1.61
C HIS A 78 20.57 -12.62 2.97
N MET A 79 20.01 -13.83 3.05
CA MET A 79 19.50 -14.33 4.32
C MET A 79 20.61 -14.39 5.36
N VAL A 80 21.75 -14.98 5.01
CA VAL A 80 22.80 -15.15 6.01
C VAL A 80 23.43 -13.80 6.37
N VAL A 81 23.55 -12.89 5.41
CA VAL A 81 24.11 -11.57 5.71
C VAL A 81 23.17 -10.78 6.60
N SER A 82 21.86 -10.87 6.35
CA SER A 82 20.89 -10.19 7.19
C SER A 82 20.92 -10.73 8.62
N GLN A 83 21.04 -12.05 8.77
CA GLN A 83 21.11 -12.62 10.12
C GLN A 83 22.38 -12.19 10.84
N MET A 84 23.52 -12.19 10.13
CA MET A 84 24.77 -11.77 10.77
C MET A 84 24.73 -10.29 11.13
N ALA A 85 24.10 -9.46 10.30
CA ALA A 85 23.98 -8.05 10.63
C ALA A 85 23.06 -7.82 11.82
N THR A 86 21.94 -8.55 11.87
CA THR A 86 21.07 -8.47 13.04
C THR A 86 21.79 -8.93 14.30
N LEU A 87 22.69 -9.90 14.18
CA LEU A 87 23.39 -10.42 15.35
C LEU A 87 24.50 -9.49 15.82
N LEU A 88 25.20 -8.83 14.89
CA LEU A 88 26.39 -8.06 15.25
C LEU A 88 26.15 -6.55 15.26
N ALA A 89 25.59 -5.99 14.19
CA ALA A 89 25.38 -4.54 14.06
C ALA A 89 23.93 -4.31 13.66
N ARG A 90 23.04 -4.19 14.65
CA ARG A 90 21.62 -4.05 14.35
C ARG A 90 21.27 -2.67 13.83
N LYS A 91 22.06 -1.65 14.18
CA LYS A 91 21.76 -0.30 13.72
C LYS A 91 22.22 -0.06 12.29
N HIS A 92 23.22 -0.81 11.82
CA HIS A 92 23.75 -0.66 10.48
C HIS A 92 23.19 -1.67 9.50
N ARG A 93 22.17 -2.43 9.91
CA ARG A 93 21.56 -3.41 9.02
C ARG A 93 21.05 -2.82 7.71
N PRO A 94 20.39 -1.65 7.69
CA PRO A 94 19.93 -1.12 6.39
C PRO A 94 21.07 -0.85 5.42
N TRP A 95 22.16 -0.25 5.88
CA TRP A 95 23.26 0.04 4.96
C TRP A 95 24.02 -1.22 4.57
N ILE A 96 24.12 -2.19 5.47
CA ILE A 96 24.74 -3.47 5.09
C ILE A 96 23.92 -4.17 4.02
N LEU A 97 22.59 -4.19 4.19
CA LEU A 97 21.74 -4.80 3.18
C LEU A 97 21.75 -4.02 1.88
N MET A 98 21.90 -2.69 1.94
CA MET A 98 22.04 -1.90 0.73
C MET A 98 23.30 -2.26 -0.03
N LEU A 99 24.43 -2.38 0.68
CA LEU A 99 25.67 -2.76 0.03
C LEU A 99 25.57 -4.16 -0.57
N TYR A 100 24.95 -5.09 0.15
CA TYR A 100 24.80 -6.44 -0.40
C TYR A 100 23.91 -6.43 -1.64
N GLY A 101 22.84 -5.63 -1.62
CA GLY A 101 21.97 -5.58 -2.78
C GLY A 101 22.65 -4.97 -3.99
N MET A 102 23.45 -3.92 -3.77
CA MET A 102 24.22 -3.36 -4.87
C MET A 102 25.22 -4.36 -5.42
N TRP A 103 25.89 -5.11 -4.55
CA TRP A 103 26.86 -6.10 -5.02
C TRP A 103 26.18 -7.22 -5.78
N ALA A 104 25.00 -7.66 -5.32
CA ALA A 104 24.30 -8.74 -6.01
C ALA A 104 23.79 -8.28 -7.36
N CYS A 105 23.25 -7.06 -7.43
CA CYS A 105 22.82 -6.52 -8.71
C CYS A 105 24.00 -6.39 -9.67
N TRP A 106 25.16 -5.96 -9.16
CA TRP A 106 26.35 -5.94 -10.00
C TRP A 106 26.70 -7.34 -10.49
N CYS A 107 26.80 -8.30 -9.57
CA CYS A 107 27.21 -9.65 -9.92
C CYS A 107 26.30 -10.28 -10.96
N VAL A 108 25.01 -9.92 -10.96
CA VAL A 108 24.07 -10.59 -11.87
C VAL A 108 23.76 -9.75 -13.12
N LEU A 109 24.10 -8.46 -13.14
CA LEU A 109 23.72 -7.63 -14.28
C LEU A 109 24.85 -6.75 -14.80
N GLY A 110 26.10 -6.95 -14.39
CA GLY A 110 27.19 -6.13 -14.86
C GLY A 110 27.12 -4.72 -14.29
N THR A 111 28.04 -3.90 -14.76
CA THR A 111 28.09 -2.48 -14.42
C THR A 111 26.92 -1.67 -14.98
N PRO A 112 26.46 -1.94 -16.21
CA PRO A 112 25.35 -1.13 -16.74
C PRO A 112 24.07 -1.25 -15.94
N GLY A 113 23.77 -2.40 -15.35
CA GLY A 113 22.55 -2.52 -14.55
C GLY A 113 22.58 -1.63 -13.33
N VAL A 114 23.65 -1.69 -12.55
CA VAL A 114 23.81 -0.82 -11.40
C VAL A 114 23.80 0.64 -11.83
N ALA A 115 24.48 0.96 -12.92
CA ALA A 115 24.52 2.34 -13.40
C ALA A 115 23.13 2.84 -13.74
N MET A 116 22.32 2.02 -14.41
CA MET A 116 20.98 2.45 -14.82
C MET A 116 20.07 2.62 -13.62
N VAL A 117 20.13 1.68 -12.66
CA VAL A 117 19.30 1.81 -11.47
C VAL A 117 19.67 3.08 -10.70
N LEU A 118 20.97 3.32 -10.53
CA LEU A 118 21.41 4.53 -9.85
C LEU A 118 20.96 5.79 -10.58
N LEU A 119 21.04 5.79 -11.91
CA LEU A 119 20.64 6.96 -12.68
C LEU A 119 19.16 7.26 -12.50
N HIS A 120 18.32 6.23 -12.65
CA HIS A 120 16.88 6.41 -12.45
C HIS A 120 16.58 6.93 -11.05
N THR A 121 17.19 6.33 -10.03
CA THR A 121 16.93 6.76 -8.66
C THR A 121 17.36 8.21 -8.43
N THR A 122 18.54 8.57 -8.94
CA THR A 122 19.04 9.94 -8.77
C THR A 122 18.12 10.95 -9.44
N ILE A 123 17.69 10.66 -10.68
CA ILE A 123 16.82 11.58 -11.38
C ILE A 123 15.49 11.74 -10.65
N SER A 124 14.92 10.62 -10.19
CA SER A 124 13.65 10.69 -9.47
C SER A 124 13.78 11.52 -8.20
N PHE A 125 14.88 11.36 -7.47
CA PHE A 125 15.09 12.13 -6.24
C PHE A 125 15.24 13.62 -6.55
N CYS A 126 16.09 13.95 -7.52
CA CYS A 126 16.34 15.34 -7.86
C CYS A 126 15.08 16.03 -8.39
N VAL A 127 14.16 15.27 -8.99
CA VAL A 127 12.91 15.88 -9.42
C VAL A 127 11.91 15.96 -8.26
N ALA A 128 11.95 15.00 -7.34
CA ALA A 128 11.09 15.07 -6.17
C ALA A 128 11.47 16.21 -5.24
N GLN A 129 12.69 16.73 -5.34
CA GLN A 129 13.07 17.88 -4.52
C GLN A 129 12.21 19.11 -4.77
N PHE A 130 11.41 19.13 -5.85
CA PHE A 130 10.49 20.25 -6.09
C PHE A 130 9.18 20.09 -5.33
N ARG A 131 8.86 18.89 -4.86
CA ARG A 131 7.64 18.59 -4.12
C ARG A 131 6.39 18.97 -4.92
N SER A 132 6.26 18.36 -6.09
CA SER A 132 5.09 18.50 -6.95
C SER A 132 4.70 17.12 -7.45
N GLN A 133 3.49 16.68 -7.09
CA GLN A 133 3.08 15.32 -7.43
C GLN A 133 2.90 15.15 -8.93
N LEU A 134 2.39 16.18 -9.61
CA LEU A 134 2.25 16.11 -11.06
C LEU A 134 3.61 15.96 -11.73
N LEU A 135 4.59 16.76 -11.29
CA LEU A 135 5.92 16.69 -11.88
C LEU A 135 6.59 15.35 -11.58
N THR A 136 6.37 14.80 -10.38
CA THR A 136 6.91 13.50 -10.04
C THR A 136 6.33 12.41 -10.92
N TRP A 137 5.01 12.42 -11.13
CA TRP A 137 4.39 11.41 -11.98
C TRP A 137 4.84 11.57 -13.43
N LEU A 138 5.01 12.82 -13.89
CA LEU A 138 5.52 13.04 -15.23
C LEU A 138 6.92 12.45 -15.40
N CYS A 139 7.80 12.70 -14.42
CA CYS A 139 9.14 12.13 -14.48
C CYS A 139 9.11 10.61 -14.50
N SER A 140 8.25 10.01 -13.67
CA SER A 140 8.15 8.55 -13.66
C SER A 140 7.67 8.01 -14.99
N LEU A 141 6.68 8.67 -15.61
CA LEU A 141 6.18 8.20 -16.90
C LEU A 141 7.24 8.33 -18.00
N LEU A 142 8.01 9.41 -17.99
CA LEU A 142 9.09 9.52 -18.96
C LEU A 142 10.16 8.46 -18.75
N LEU A 143 10.52 8.19 -17.49
CA LEU A 143 11.49 7.13 -17.22
C LEU A 143 10.95 5.77 -17.66
N LEU A 144 9.64 5.56 -17.57
CA LEU A 144 9.07 4.30 -18.01
C LEU A 144 9.02 4.20 -19.54
N SER A 145 8.83 5.33 -20.23
CA SER A 145 8.84 5.31 -21.69
C SER A 145 10.24 5.11 -22.25
N THR A 146 11.26 5.57 -21.52
CA THR A 146 12.62 5.29 -21.90
C THR A 146 12.89 3.80 -22.07
N LEU A 147 12.13 2.96 -21.36
CA LEU A 147 12.25 1.51 -21.55
C LEU A 147 11.55 1.07 -22.83
N ARG A 148 10.42 1.69 -23.16
CA ARG A 148 9.68 1.33 -24.36
C ARG A 148 10.32 1.84 -25.64
N LEU A 149 11.34 2.70 -25.54
CA LEU A 149 11.98 3.21 -26.75
C LEU A 149 12.81 2.12 -27.47
N GLN A 150 12.63 2.04 -28.79
CA GLN A 150 13.26 1.00 -29.59
C GLN A 150 14.77 1.17 -29.68
N GLY A 151 15.23 2.40 -29.87
CA GLY A 151 16.68 2.64 -29.90
C GLY A 151 17.34 2.27 -28.59
N VAL A 152 16.66 2.53 -27.47
CA VAL A 152 17.19 2.15 -26.17
C VAL A 152 17.22 0.63 -26.06
N GLU A 153 16.18 -0.06 -26.54
CA GLU A 153 16.22 -1.52 -26.57
C GLU A 153 17.43 -2.02 -27.36
N GLU A 154 17.71 -1.38 -28.50
CA GLU A 154 18.87 -1.78 -29.30
C GLU A 154 20.17 -1.58 -28.54
N VAL A 155 20.33 -0.43 -27.90
CA VAL A 155 21.56 -0.14 -27.17
C VAL A 155 21.76 -1.15 -26.03
N LYS A 156 20.68 -1.52 -25.34
CA LYS A 156 20.82 -2.44 -24.21
C LYS A 156 21.11 -3.86 -24.68
N ARG A 157 20.42 -4.31 -25.73
CA ARG A 157 20.75 -5.61 -26.31
C ARG A 157 22.19 -5.64 -26.79
N ARG A 158 22.73 -4.50 -27.23
CA ARG A 158 24.14 -4.41 -27.55
C ARG A 158 25.00 -4.51 -26.30
N TRP A 159 24.54 -3.92 -25.19
CA TRP A 159 25.26 -4.01 -23.93
C TRP A 159 25.47 -5.45 -23.51
N TYR A 160 24.41 -6.24 -23.52
CA TYR A 160 24.50 -7.61 -23.05
C TYR A 160 24.74 -8.59 -24.19
N LYS A 161 25.05 -9.84 -23.84
CA LYS A 161 25.45 -10.83 -24.83
C LYS A 161 24.68 -12.15 -24.78
N THR A 162 23.83 -12.37 -23.77
CA THR A 162 23.10 -13.63 -23.67
C THR A 162 21.60 -13.47 -23.86
N GLU A 163 21.10 -12.23 -23.92
CA GLU A 163 19.71 -11.92 -24.28
C GLU A 163 18.72 -12.28 -23.18
N ASN A 164 19.17 -12.94 -22.12
CA ASN A 164 18.37 -13.07 -20.91
C ASN A 164 18.73 -12.02 -19.89
N GLU A 165 19.98 -11.58 -19.86
CA GLU A 165 20.37 -10.48 -18.99
C GLU A 165 19.67 -9.20 -19.38
N TYR A 166 19.40 -9.00 -20.68
CA TYR A 166 18.64 -7.84 -21.10
C TYR A 166 17.22 -7.86 -20.53
N TYR A 167 16.57 -9.02 -20.55
CA TYR A 167 15.22 -9.13 -20.00
C TYR A 167 15.24 -8.96 -18.48
N LEU A 168 16.27 -9.50 -17.82
CA LEU A 168 16.42 -9.28 -16.38
C LEU A 168 16.54 -7.80 -16.07
N LEU A 169 17.34 -7.08 -16.86
CA LEU A 169 17.48 -5.64 -16.67
C LEU A 169 16.16 -4.92 -16.87
N GLN A 170 15.40 -5.31 -17.90
CA GLN A 170 14.12 -4.67 -18.17
C GLN A 170 13.15 -4.86 -17.01
N PHE A 171 13.04 -6.09 -16.50
CA PHE A 171 12.13 -6.34 -15.39
C PHE A 171 12.57 -5.60 -14.13
N THR A 172 13.88 -5.61 -13.85
CA THR A 172 14.40 -4.90 -12.69
C THR A 172 14.06 -3.42 -12.75
N LEU A 173 14.29 -2.79 -13.91
CA LEU A 173 14.00 -1.36 -14.03
C LEU A 173 12.50 -1.10 -13.95
N THR A 174 11.68 -2.00 -14.49
CA THR A 174 10.24 -1.82 -14.41
C THR A 174 9.76 -1.81 -12.96
N VAL A 175 10.33 -2.65 -12.11
CA VAL A 175 9.91 -2.64 -10.71
C VAL A 175 10.52 -1.45 -9.96
N ARG A 176 11.77 -1.10 -10.28
CA ARG A 176 12.38 0.08 -9.67
C ARG A 176 11.53 1.32 -9.93
N CYS A 177 10.88 1.39 -11.09
CA CYS A 177 10.00 2.52 -11.37
C CYS A 177 8.98 2.73 -10.27
N LEU A 178 8.23 1.67 -9.94
CA LEU A 178 7.22 1.78 -8.88
C LEU A 178 7.86 2.11 -7.55
N TYR A 179 9.04 1.53 -7.27
CA TYR A 179 9.65 1.76 -5.97
C TYR A 179 10.03 3.23 -5.78
N TYR A 180 10.79 3.81 -6.71
CA TYR A 180 11.14 5.21 -6.51
C TYR A 180 9.97 6.15 -6.74
N THR A 181 8.92 5.73 -7.46
CA THR A 181 7.72 6.56 -7.54
C THR A 181 7.04 6.66 -6.18
N SER A 182 6.91 5.51 -5.49
CA SER A 182 6.34 5.54 -4.14
C SER A 182 7.16 6.42 -3.21
N PHE A 183 8.49 6.28 -3.26
CA PHE A 183 9.34 7.10 -2.40
C PHE A 183 9.17 8.59 -2.70
N SER A 184 9.22 8.96 -3.98
CA SER A 184 9.13 10.37 -4.33
C SER A 184 7.77 10.96 -4.00
N LEU A 185 6.70 10.19 -4.13
CA LEU A 185 5.38 10.73 -3.79
C LEU A 185 5.23 10.91 -2.28
N GLU A 186 5.73 9.96 -1.48
CA GLU A 186 5.71 10.16 -0.04
C GLU A 186 6.54 11.37 0.37
N LEU A 187 7.66 11.59 -0.33
CA LEU A 187 8.47 12.77 -0.03
C LEU A 187 7.74 14.05 -0.41
N CYS A 188 7.00 14.04 -1.52
CA CYS A 188 6.23 15.21 -1.91
C CYS A 188 5.12 15.50 -0.90
N TRP A 189 4.55 14.46 -0.30
CA TRP A 189 3.44 14.63 0.63
C TRP A 189 3.87 14.83 2.08
N GLN A 190 5.15 14.64 2.42
CA GLN A 190 5.58 14.75 3.80
C GLN A 190 5.33 16.15 4.35
N GLN A 191 4.71 16.21 5.54
CA GLN A 191 4.51 17.48 6.24
C GLN A 191 4.78 17.39 7.74
N LEU A 192 5.13 16.22 8.26
CA LEU A 192 5.20 15.98 9.70
C LEU A 192 6.64 16.07 10.17
N PRO A 193 6.92 16.80 11.27
CA PRO A 193 8.33 17.06 11.62
C PRO A 193 9.16 15.80 11.83
N ALA A 194 8.65 14.86 12.64
CA ALA A 194 9.40 13.64 12.89
C ALA A 194 9.64 12.82 11.63
N ALA A 195 8.85 13.04 10.58
CA ALA A 195 9.02 12.34 9.33
C ALA A 195 9.99 13.02 8.39
N SER A 196 10.61 14.13 8.81
CA SER A 196 11.47 14.88 7.90
C SER A 196 12.77 14.14 7.61
N THR A 197 13.25 13.34 8.55
CA THR A 197 14.53 12.66 8.43
C THR A 197 14.44 11.32 7.72
N SER A 198 13.26 10.95 7.22
CA SER A 198 13.09 9.67 6.55
C SER A 198 13.41 9.73 5.06
N TYR A 199 13.19 10.88 4.43
CA TYR A 199 13.34 11.00 2.98
C TYR A 199 14.70 11.60 2.64
N SER A 200 15.74 10.85 2.98
CA SER A 200 17.10 11.17 2.59
C SER A 200 17.56 10.23 1.49
N PHE A 201 18.64 10.62 0.81
CA PHE A 201 19.18 9.85 -0.29
C PHE A 201 19.71 8.49 0.16
N PRO A 202 20.39 8.38 1.31
CA PRO A 202 20.72 7.04 1.81
C PRO A 202 19.51 6.15 2.01
N TRP A 203 18.41 6.69 2.54
CA TRP A 203 17.22 5.88 2.73
C TRP A 203 16.61 5.48 1.39
N MET A 204 16.64 6.38 0.41
CA MET A 204 16.14 6.02 -0.92
C MET A 204 16.97 4.91 -1.53
N LEU A 205 18.29 4.98 -1.39
CA LEU A 205 19.15 3.93 -1.94
C LEU A 205 18.92 2.61 -1.22
N ALA A 206 18.78 2.64 0.09
CA ALA A 206 18.50 1.41 0.84
C ALA A 206 17.16 0.81 0.47
N TYR A 207 16.17 1.66 0.15
CA TYR A 207 14.87 1.16 -0.27
C TYR A 207 14.94 0.55 -1.67
N VAL A 208 15.67 1.19 -2.57
CA VAL A 208 15.72 0.71 -3.95
C VAL A 208 16.54 -0.58 -4.05
N PHE A 209 17.68 -0.64 -3.37
CA PHE A 209 18.56 -1.81 -3.46
C PHE A 209 18.28 -2.82 -2.35
N TYR A 210 17.04 -3.27 -2.20
CA TYR A 210 16.69 -4.28 -1.22
C TYR A 210 16.46 -5.59 -1.97
N TYR A 211 17.47 -6.47 -1.92
CA TYR A 211 17.57 -7.55 -2.90
C TYR A 211 16.35 -8.47 -2.96
N PRO A 212 15.71 -8.87 -1.86
CA PRO A 212 14.54 -9.76 -1.99
C PRO A 212 13.48 -9.25 -2.96
N VAL A 213 13.42 -7.95 -3.22
CA VAL A 213 12.43 -7.42 -4.15
C VAL A 213 13.08 -6.69 -5.32
N LEU A 214 14.33 -7.03 -5.65
CA LEU A 214 15.06 -6.26 -6.64
C LEU A 214 14.59 -6.57 -8.05
N HIS A 215 14.44 -7.85 -8.37
CA HIS A 215 14.24 -8.24 -9.77
C HIS A 215 12.77 -8.35 -10.14
N ASN A 216 11.97 -9.03 -9.32
CA ASN A 216 10.56 -9.21 -9.62
C ASN A 216 9.64 -9.01 -8.43
N GLY A 217 10.16 -8.95 -7.20
CA GLY A 217 9.38 -8.98 -6.00
C GLY A 217 8.26 -7.96 -5.96
N PRO A 218 7.25 -8.20 -5.12
CA PRO A 218 6.10 -7.31 -5.07
C PRO A 218 6.44 -5.93 -4.54
N ILE A 219 5.44 -5.04 -4.45
CA ILE A 219 5.68 -3.66 -4.08
C ILE A 219 5.53 -3.53 -2.57
N LEU A 220 6.64 -3.26 -1.89
CA LEU A 220 6.66 -3.02 -0.45
C LEU A 220 6.59 -1.53 -0.20
N SER A 221 5.74 -1.12 0.73
CA SER A 221 5.58 0.30 1.03
C SER A 221 6.77 0.83 1.81
N PHE A 222 7.22 2.03 1.43
CA PHE A 222 8.37 2.63 2.09
C PHE A 222 8.10 2.89 3.57
N SER A 223 6.84 3.17 3.92
CA SER A 223 6.51 3.36 5.32
C SER A 223 6.81 2.12 6.14
N GLU A 224 6.31 0.96 5.69
CA GLU A 224 6.58 -0.29 6.38
C GLU A 224 8.08 -0.60 6.37
N PHE A 225 8.75 -0.34 5.25
CA PHE A 225 10.19 -0.59 5.16
C PHE A 225 10.95 0.19 6.23
N ILE A 226 10.76 1.51 6.28
CA ILE A 226 11.54 2.33 7.21
C ILE A 226 11.05 2.15 8.63
N LYS A 227 9.81 1.69 8.83
CA LYS A 227 9.35 1.39 10.17
C LYS A 227 10.07 0.15 10.71
N GLN A 228 10.13 -0.91 9.92
CA GLN A 228 10.79 -2.13 10.37
C GLN A 228 12.31 -1.97 10.46
N MET A 229 12.89 -1.15 9.59
CA MET A 229 14.34 -0.99 9.58
C MET A 229 14.86 -0.11 10.73
N GLN A 230 14.00 0.23 11.70
CA GLN A 230 14.42 1.08 12.82
C GLN A 230 13.85 0.56 14.14
N GLN A 231 13.69 -0.75 14.27
CA GLN A 231 13.02 -1.31 15.45
C GLN A 231 13.98 -1.69 16.57
N GLN A 232 15.19 -2.15 16.25
CA GLN A 232 16.23 -2.52 17.19
C GLN A 232 15.91 -3.77 18.02
N GLU A 233 14.74 -4.37 17.82
CA GLU A 233 14.31 -5.53 18.60
C GLU A 233 14.27 -6.75 17.68
N HIS A 234 15.17 -7.70 17.94
CA HIS A 234 15.27 -8.89 17.11
C HIS A 234 14.04 -9.77 17.29
N ASP A 235 14.01 -10.89 16.56
CA ASP A 235 12.83 -11.74 16.54
C ASP A 235 13.17 -13.21 16.72
N SER A 236 14.02 -13.54 17.69
CA SER A 236 14.14 -14.92 18.21
C SER A 236 14.56 -15.90 17.10
N LEU A 237 15.84 -15.80 16.73
CA LEU A 237 16.49 -16.67 15.75
C LEU A 237 16.02 -18.13 15.86
N LYS A 238 15.80 -18.61 17.07
CA LYS A 238 15.25 -19.96 17.24
C LYS A 238 13.89 -20.08 16.55
N ALA A 239 13.07 -19.02 16.58
CA ALA A 239 11.81 -19.04 15.85
C ALA A 239 12.00 -18.73 14.37
N SER A 240 13.03 -17.95 14.04
CA SER A 240 13.35 -17.70 12.63
C SER A 240 13.67 -18.99 11.90
N LEU A 241 14.38 -19.91 12.57
CA LEU A 241 14.71 -21.18 11.95
C LEU A 241 13.46 -21.98 11.62
N CYS A 242 12.47 -21.99 12.52
CA CYS A 242 11.24 -22.72 12.25
C CYS A 242 10.43 -22.04 11.15
N VAL A 243 10.39 -20.70 11.16
CA VAL A 243 9.77 -19.96 10.06
C VAL A 243 10.37 -20.39 8.73
N LEU A 244 11.71 -20.47 8.67
CA LEU A 244 12.39 -20.86 7.45
C LEU A 244 12.02 -22.28 7.04
N ALA A 245 12.00 -23.21 8.00
CA ALA A 245 11.67 -24.61 7.68
C ALA A 245 10.27 -24.72 7.09
N LEU A 246 9.28 -24.09 7.74
CA LEU A 246 7.91 -24.20 7.24
C LEU A 246 7.75 -23.50 5.89
N GLY A 247 8.40 -22.34 5.71
CA GLY A 247 8.34 -21.67 4.43
C GLY A 247 8.95 -22.50 3.31
N LEU A 248 10.07 -23.15 3.58
CA LEU A 248 10.70 -23.99 2.56
C LEU A 248 9.82 -25.18 2.21
N GLY A 249 9.22 -25.83 3.21
CA GLY A 249 8.32 -26.93 2.92
C GLY A 249 7.16 -26.50 2.04
N ARG A 250 6.52 -25.39 2.41
CA ARG A 250 5.38 -24.91 1.63
C ARG A 250 5.79 -24.52 0.21
N LEU A 251 6.94 -23.86 0.06
CA LEU A 251 7.39 -23.46 -1.26
C LEU A 251 7.71 -24.67 -2.14
N LEU A 252 8.30 -25.72 -1.56
CA LEU A 252 8.56 -26.92 -2.35
C LEU A 252 7.26 -27.60 -2.77
N CYS A 253 6.26 -27.61 -1.87
CA CYS A 253 4.95 -28.15 -2.27
C CYS A 253 4.37 -27.38 -3.44
N TRP A 254 4.45 -26.05 -3.41
CA TRP A 254 3.92 -25.24 -4.50
C TRP A 254 4.66 -25.51 -5.81
N TRP A 255 6.00 -25.54 -5.75
CA TRP A 255 6.79 -25.80 -6.95
C TRP A 255 6.46 -27.16 -7.54
N TRP A 256 6.32 -28.18 -6.69
CA TRP A 256 5.99 -29.50 -7.19
C TRP A 256 4.61 -29.51 -7.85
N LEU A 257 3.65 -28.79 -7.27
CA LEU A 257 2.32 -28.74 -7.88
C LEU A 257 2.37 -28.08 -9.25
N ALA A 258 3.14 -26.99 -9.38
CA ALA A 258 3.24 -26.33 -10.68
C ALA A 258 3.90 -27.23 -11.72
N GLU A 259 4.96 -27.92 -11.33
CA GLU A 259 5.60 -28.85 -12.26
C GLU A 259 4.67 -29.99 -12.64
N LEU A 260 3.86 -30.46 -11.69
CA LEU A 260 2.90 -31.52 -12.00
C LEU A 260 1.89 -31.07 -13.04
N MET A 261 1.35 -29.86 -12.88
CA MET A 261 0.41 -29.34 -13.87
C MET A 261 1.07 -29.21 -15.24
N ALA A 262 2.28 -28.66 -15.29
CA ALA A 262 2.96 -28.48 -16.57
C ALA A 262 3.34 -29.81 -17.22
N HIS A 263 3.56 -30.86 -16.43
CA HIS A 263 3.84 -32.17 -17.01
C HIS A 263 2.57 -32.85 -17.50
N LEU A 264 1.46 -32.68 -16.77
CA LEU A 264 0.24 -33.38 -17.13
C LEU A 264 -0.40 -32.77 -18.38
N MET A 265 -0.54 -31.45 -18.42
CA MET A 265 -1.34 -30.84 -19.48
C MET A 265 -0.57 -29.73 -20.20
N TYR A 266 -0.62 -29.76 -21.52
CA TYR A 266 0.16 -28.86 -22.37
C TYR A 266 -0.65 -27.63 -22.75
N MET A 267 -1.09 -26.91 -21.71
CA MET A 267 -1.99 -25.78 -21.89
C MET A 267 -1.36 -24.69 -22.74
N HIS A 268 -0.06 -24.42 -22.55
CA HIS A 268 0.58 -23.31 -23.25
C HIS A 268 0.81 -23.62 -24.72
N ALA A 269 1.27 -24.84 -25.03
CA ALA A 269 1.41 -25.22 -26.43
C ALA A 269 0.06 -25.24 -27.13
N ILE A 270 -0.97 -25.74 -26.46
CA ILE A 270 -2.29 -25.77 -27.08
C ILE A 270 -2.80 -24.36 -27.33
N TYR A 271 -2.56 -23.43 -26.41
CA TYR A 271 -2.92 -22.04 -26.67
C TYR A 271 -2.10 -21.44 -27.80
N SER A 272 -0.88 -21.93 -27.99
CA SER A 272 -0.08 -21.48 -29.13
C SER A 272 -0.55 -22.06 -30.44
N SER A 273 -1.30 -23.18 -30.42
CA SER A 273 -1.84 -23.78 -31.63
C SER A 273 -3.31 -23.40 -31.78
N ILE A 274 -3.57 -22.31 -32.50
CA ILE A 274 -4.92 -21.79 -32.73
C ILE A 274 -5.74 -22.75 -33.60
N PRO A 275 -5.18 -23.33 -34.69
CA PRO A 275 -5.94 -24.35 -35.41
C PRO A 275 -6.35 -25.53 -34.55
N LEU A 276 -5.61 -25.82 -33.48
CA LEU A 276 -6.00 -26.90 -32.57
C LEU A 276 -7.05 -26.41 -31.57
N LEU A 277 -6.93 -25.17 -31.11
CA LEU A 277 -7.99 -24.58 -30.28
C LEU A 277 -9.33 -24.58 -31.02
N GLU A 278 -9.31 -24.36 -32.33
CA GLU A 278 -10.56 -24.32 -33.07
C GLU A 278 -11.21 -25.70 -33.20
N THR A 279 -10.46 -26.78 -33.05
CA THR A 279 -11.00 -28.12 -33.22
C THR A 279 -11.26 -28.86 -31.91
N VAL A 280 -10.59 -28.49 -30.82
CA VAL A 280 -10.84 -29.19 -29.55
C VAL A 280 -12.28 -28.95 -29.09
N SER A 281 -12.75 -29.80 -28.19
CA SER A 281 -14.13 -29.76 -27.72
C SER A 281 -14.30 -28.69 -26.65
N CYS A 282 -15.56 -28.49 -26.24
CA CYS A 282 -15.86 -27.43 -25.28
C CYS A 282 -15.42 -27.77 -23.86
N TRP A 283 -15.50 -29.04 -23.47
CA TRP A 283 -14.97 -29.45 -22.18
C TRP A 283 -13.47 -29.21 -22.11
N THR A 284 -12.75 -29.58 -23.17
CA THR A 284 -11.31 -29.32 -23.23
C THR A 284 -11.02 -27.83 -23.23
N LEU A 285 -11.89 -27.05 -23.87
CA LEU A 285 -11.70 -25.61 -23.93
C LEU A 285 -11.82 -24.97 -22.54
N GLY A 286 -12.89 -25.32 -21.82
CA GLY A 286 -13.05 -24.83 -20.46
C GLY A 286 -11.96 -25.33 -19.52
N GLY A 287 -11.52 -26.57 -19.72
CA GLY A 287 -10.42 -27.09 -18.93
C GLY A 287 -9.12 -26.37 -19.19
N LEU A 288 -8.89 -25.99 -20.44
CA LEU A 288 -7.72 -25.18 -20.76
C LEU A 288 -7.78 -23.84 -20.05
N ALA A 289 -8.97 -23.23 -20.02
CA ALA A 289 -9.11 -21.95 -19.32
C ALA A 289 -8.81 -22.09 -17.83
N LEU A 290 -9.41 -23.10 -17.19
CA LEU A 290 -9.16 -23.32 -15.77
C LEU A 290 -7.70 -23.62 -15.49
N ALA A 291 -7.08 -24.44 -16.35
CA ALA A 291 -5.67 -24.78 -16.17
C ALA A 291 -4.79 -23.54 -16.31
N GLN A 292 -5.09 -22.68 -17.28
CA GLN A 292 -4.34 -21.43 -17.43
C GLN A 292 -4.41 -20.59 -16.15
N VAL A 293 -5.62 -20.35 -15.65
CA VAL A 293 -5.74 -19.45 -14.51
C VAL A 293 -5.12 -20.05 -13.26
N LEU A 294 -5.27 -21.37 -13.06
CA LEU A 294 -4.71 -21.99 -11.87
C LEU A 294 -3.19 -22.11 -11.96
N PHE A 295 -2.65 -22.33 -13.15
CA PHE A 295 -1.20 -22.34 -13.29
C PHE A 295 -0.62 -20.96 -13.04
N PHE A 296 -1.29 -19.90 -13.52
CA PHE A 296 -0.83 -18.56 -13.19
C PHE A 296 -0.87 -18.32 -11.69
N TYR A 297 -1.93 -18.77 -11.03
CA TYR A 297 -2.05 -18.60 -9.58
C TYR A 297 -0.89 -19.29 -8.86
N VAL A 298 -0.59 -20.55 -9.21
CA VAL A 298 0.45 -21.27 -8.48
C VAL A 298 1.83 -20.73 -8.83
N LYS A 299 2.04 -20.35 -10.10
CA LYS A 299 3.30 -19.75 -10.50
C LYS A 299 3.58 -18.49 -9.70
N TYR A 300 2.56 -17.65 -9.49
CA TYR A 300 2.82 -16.44 -8.73
C TYR A 300 2.84 -16.67 -7.23
N LEU A 301 2.17 -17.71 -6.74
CA LEU A 301 2.44 -18.18 -5.38
C LEU A 301 3.93 -18.43 -5.20
N VAL A 302 4.55 -19.15 -6.14
CA VAL A 302 5.96 -19.47 -6.01
C VAL A 302 6.81 -18.21 -6.17
N LEU A 303 6.49 -17.36 -7.15
CA LEU A 303 7.31 -16.19 -7.43
C LEU A 303 7.23 -15.15 -6.32
N PHE A 304 6.12 -15.11 -5.58
CA PHE A 304 5.97 -14.17 -4.49
C PHE A 304 6.28 -14.76 -3.12
N GLY A 305 6.36 -16.08 -2.99
CA GLY A 305 6.62 -16.69 -1.71
C GLY A 305 8.06 -16.65 -1.26
N VAL A 306 9.00 -16.51 -2.19
CA VAL A 306 10.41 -16.42 -1.82
C VAL A 306 10.70 -15.03 -1.27
N PRO A 307 10.33 -13.93 -1.94
CA PRO A 307 10.49 -12.62 -1.30
C PRO A 307 9.69 -12.48 -0.02
N ALA A 308 8.51 -13.07 0.05
CA ALA A 308 7.72 -13.01 1.28
C ALA A 308 8.43 -13.74 2.42
N LEU A 309 9.01 -14.90 2.13
CA LEU A 309 9.74 -15.63 3.17
C LEU A 309 10.97 -14.84 3.62
N LEU A 310 11.69 -14.23 2.69
CA LEU A 310 12.88 -13.46 3.08
C LEU A 310 12.48 -12.23 3.89
N MET A 311 11.38 -11.58 3.54
CA MET A 311 10.91 -10.44 4.32
C MET A 311 10.47 -10.87 5.71
N ARG A 312 9.78 -12.00 5.82
CA ARG A 312 9.36 -12.48 7.14
C ARG A 312 10.56 -12.89 7.98
N LEU A 313 11.64 -13.36 7.36
CA LEU A 313 12.86 -13.59 8.13
C LEU A 313 13.50 -12.28 8.57
N ASP A 314 13.50 -11.27 7.68
CA ASP A 314 14.03 -9.97 8.04
C ASP A 314 13.15 -9.22 9.03
N GLY A 315 11.94 -9.71 9.31
CA GLY A 315 11.07 -9.10 10.29
C GLY A 315 10.03 -8.16 9.73
N LEU A 316 9.95 -8.03 8.41
CA LEU A 316 8.98 -7.14 7.79
C LEU A 316 7.64 -7.84 7.64
N THR A 317 6.61 -7.05 7.38
CA THR A 317 5.28 -7.59 7.06
C THR A 317 5.07 -7.45 5.55
N PRO A 318 5.18 -8.52 4.78
CA PRO A 318 5.03 -8.41 3.33
C PRO A 318 3.57 -8.34 2.94
N PRO A 319 3.26 -7.90 1.73
CA PRO A 319 1.87 -7.97 1.25
C PRO A 319 1.40 -9.41 1.19
N ALA A 320 0.10 -9.60 1.33
CA ALA A 320 -0.46 -10.95 1.37
C ALA A 320 -0.33 -11.63 0.02
N LEU A 321 -0.16 -12.95 0.06
CA LEU A 321 -0.11 -13.74 -1.15
C LEU A 321 -1.49 -13.77 -1.80
N PRO A 322 -1.56 -14.09 -3.10
CA PRO A 322 -2.86 -14.13 -3.77
C PRO A 322 -3.79 -15.15 -3.15
N ARG A 323 -5.09 -14.84 -3.15
CA ARG A 323 -6.09 -15.82 -2.81
C ARG A 323 -6.33 -16.73 -4.00
N CYS A 324 -6.70 -17.98 -3.72
CA CYS A 324 -6.91 -18.94 -4.79
C CYS A 324 -7.92 -18.41 -5.79
N VAL A 325 -7.60 -18.52 -7.08
CA VAL A 325 -8.46 -17.97 -8.11
C VAL A 325 -9.75 -18.76 -8.25
N SER A 326 -9.79 -19.98 -7.73
CA SER A 326 -11.02 -20.77 -7.71
C SER A 326 -11.98 -20.34 -6.61
N THR A 327 -11.73 -19.20 -5.96
CA THR A 327 -12.69 -18.61 -5.04
C THR A 327 -13.09 -17.19 -5.45
N MET A 328 -12.51 -16.65 -6.52
CA MET A 328 -12.85 -15.32 -7.00
C MET A 328 -14.07 -15.39 -7.91
N PHE A 329 -15.00 -14.46 -7.72
CA PHE A 329 -16.23 -14.45 -8.48
C PHE A 329 -16.63 -13.06 -8.96
N SER A 330 -15.76 -12.06 -8.82
CA SER A 330 -16.11 -10.70 -9.20
C SER A 330 -14.85 -9.94 -9.57
N PHE A 331 -15.03 -8.92 -10.41
CA PHE A 331 -13.91 -8.06 -10.79
C PHE A 331 -13.31 -7.38 -9.57
N THR A 332 -14.17 -6.84 -8.71
CA THR A 332 -13.70 -6.09 -7.54
C THR A 332 -12.92 -7.00 -6.59
N GLY A 333 -13.48 -8.16 -6.26
CA GLY A 333 -12.77 -9.09 -5.39
C GLY A 333 -11.47 -9.59 -6.00
N MET A 334 -11.50 -9.92 -7.29
CA MET A 334 -10.30 -10.34 -7.99
C MET A 334 -9.19 -9.30 -7.86
N TRP A 335 -9.50 -8.06 -8.23
CA TRP A 335 -8.47 -7.03 -8.27
C TRP A 335 -8.19 -6.40 -6.92
N ARG A 336 -8.91 -6.80 -5.86
CA ARG A 336 -8.50 -6.45 -4.52
C ARG A 336 -7.72 -7.54 -3.80
N TYR A 337 -7.89 -8.81 -4.18
CA TYR A 337 -7.23 -9.89 -3.45
C TYR A 337 -6.23 -10.69 -4.26
N PHE A 338 -5.93 -10.32 -5.50
CA PHE A 338 -4.91 -11.09 -6.22
C PHE A 338 -3.51 -10.52 -5.99
N ASP A 339 -3.29 -9.27 -6.38
CA ASP A 339 -1.99 -8.62 -6.24
C ASP A 339 -2.15 -7.49 -5.21
N VAL A 340 -1.93 -7.84 -3.94
CA VAL A 340 -2.26 -6.93 -2.85
C VAL A 340 -1.31 -5.73 -2.83
N GLY A 341 -0.02 -5.97 -3.04
CA GLY A 341 0.93 -4.87 -2.98
C GLY A 341 0.71 -3.85 -4.08
N LEU A 342 0.51 -4.31 -5.30
CA LEU A 342 0.24 -3.41 -6.42
C LEU A 342 -1.11 -2.74 -6.25
N HIS A 343 -2.10 -3.46 -5.73
CA HIS A 343 -3.40 -2.86 -5.48
C HIS A 343 -3.30 -1.72 -4.47
N ASN A 344 -2.52 -1.91 -3.41
CA ASN A 344 -2.34 -0.85 -2.42
C ASN A 344 -1.60 0.33 -3.02
N PHE A 345 -0.54 0.06 -3.80
CA PHE A 345 0.17 1.14 -4.48
C PHE A 345 -0.80 1.95 -5.35
N LEU A 346 -1.64 1.28 -6.12
CA LEU A 346 -2.54 1.97 -7.03
C LEU A 346 -3.57 2.79 -6.25
N ILE A 347 -4.20 2.17 -5.25
CA ILE A 347 -5.16 2.88 -4.41
C ILE A 347 -4.53 4.14 -3.83
N ARG A 348 -3.30 4.04 -3.34
CA ARG A 348 -2.71 5.17 -2.64
C ARG A 348 -2.21 6.27 -3.58
N TYR A 349 -1.64 5.90 -4.73
CA TYR A 349 -0.89 6.87 -5.51
C TYR A 349 -1.48 7.19 -6.89
N VAL A 350 -2.49 6.46 -7.35
CA VAL A 350 -3.15 6.74 -8.62
C VAL A 350 -4.64 7.02 -8.41
N TYR A 351 -5.33 6.17 -7.64
CA TYR A 351 -6.76 6.28 -7.49
C TYR A 351 -7.16 7.54 -6.73
N ILE A 352 -6.71 7.65 -5.49
CA ILE A 352 -7.14 8.73 -4.59
C ILE A 352 -6.65 10.10 -5.08
N PRO A 353 -5.38 10.29 -5.45
CA PRO A 353 -4.96 11.62 -5.91
C PRO A 353 -5.73 12.11 -7.12
N VAL A 354 -6.20 11.21 -7.97
CA VAL A 354 -7.09 11.62 -9.06
C VAL A 354 -8.51 11.82 -8.54
N GLY A 355 -8.87 11.15 -7.46
CA GLY A 355 -10.20 11.26 -6.90
C GLY A 355 -11.00 10.01 -7.13
N GLY A 356 -11.24 9.25 -6.06
CA GLY A 356 -11.84 7.93 -6.22
C GLY A 356 -13.34 7.96 -6.26
N SER A 357 -13.98 7.17 -5.41
CA SER A 357 -15.43 7.03 -5.40
C SER A 357 -16.13 8.16 -4.64
N GLN A 358 -15.44 9.25 -4.33
CA GLN A 358 -16.00 10.30 -3.50
C GLN A 358 -16.47 11.53 -4.27
N HIS A 359 -16.32 11.55 -5.59
CA HIS A 359 -16.70 12.72 -6.39
C HIS A 359 -17.64 12.37 -7.53
N GLY A 360 -18.52 11.40 -7.33
CA GLY A 360 -19.54 11.08 -8.30
C GLY A 360 -19.15 9.96 -9.26
N LEU A 361 -20.13 9.54 -10.05
CA LEU A 361 -19.91 8.41 -10.96
C LEU A 361 -18.95 8.77 -12.08
N LEU A 362 -18.98 10.00 -12.57
CA LEU A 362 -18.04 10.40 -13.62
C LEU A 362 -16.62 10.46 -13.07
N GLY A 363 -16.45 10.95 -11.84
CA GLY A 363 -15.15 10.91 -11.23
C GLY A 363 -14.66 9.49 -11.02
N THR A 364 -15.57 8.58 -10.65
CA THR A 364 -15.20 7.19 -10.49
C THR A 364 -14.78 6.57 -11.83
N LEU A 365 -15.52 6.88 -12.89
CA LEU A 365 -15.13 6.43 -14.23
C LEU A 365 -13.74 6.91 -14.57
N PHE A 366 -13.47 8.20 -14.38
CA PHE A 366 -12.18 8.75 -14.74
C PHE A 366 -11.06 8.11 -13.94
N SER A 367 -11.27 7.93 -12.62
CA SER A 367 -10.21 7.38 -11.79
C SER A 367 -9.94 5.91 -12.13
N THR A 368 -10.99 5.12 -12.34
CA THR A 368 -10.80 3.71 -12.68
C THR A 368 -10.13 3.56 -14.04
N ALA A 369 -10.50 4.42 -15.00
CA ALA A 369 -9.87 4.37 -16.30
C ALA A 369 -8.40 4.77 -16.21
N MET A 370 -8.08 5.80 -15.43
CA MET A 370 -6.68 6.16 -15.23
C MET A 370 -5.89 5.01 -14.63
N THR A 371 -6.46 4.34 -13.62
CA THR A 371 -5.76 3.26 -12.96
C THR A 371 -5.49 2.10 -13.92
N PHE A 372 -6.50 1.69 -14.67
CA PHE A 372 -6.30 0.55 -15.57
C PHE A 372 -5.42 0.91 -16.76
N ALA A 373 -5.48 2.15 -17.24
CA ALA A 373 -4.58 2.56 -18.32
C ALA A 373 -3.13 2.55 -17.84
N PHE A 374 -2.89 3.02 -16.61
CA PHE A 374 -1.53 2.95 -16.08
C PHE A 374 -1.09 1.50 -15.93
N VAL A 375 -1.97 0.63 -15.45
CA VAL A 375 -1.59 -0.77 -15.26
C VAL A 375 -1.22 -1.40 -16.60
N SER A 376 -2.00 -1.12 -17.65
CA SER A 376 -1.67 -1.64 -18.97
C SER A 376 -0.32 -1.12 -19.45
N TYR A 377 -0.13 0.20 -19.38
CA TYR A 377 1.13 0.78 -19.86
C TYR A 377 2.33 0.28 -19.06
N TRP A 378 2.13 -0.06 -17.79
CA TRP A 378 3.22 -0.58 -16.98
C TRP A 378 3.50 -2.04 -17.30
N CYS A 379 2.44 -2.84 -17.53
CA CYS A 379 2.63 -4.21 -17.95
C CYS A 379 3.20 -4.33 -19.36
N GLY A 380 3.19 -3.25 -20.13
CA GLY A 380 3.89 -3.28 -21.40
C GLY A 380 3.24 -2.52 -22.53
N GLY A 381 1.92 -2.36 -22.48
CA GLY A 381 1.24 -1.56 -23.48
C GLY A 381 1.07 -2.22 -24.83
N TYR A 382 0.98 -3.54 -24.87
CA TYR A 382 0.62 -4.22 -26.11
C TYR A 382 -0.89 -4.15 -26.31
N ASP A 383 -1.31 -4.45 -27.54
CA ASP A 383 -2.73 -4.31 -27.88
C ASP A 383 -3.60 -5.24 -27.04
N TYR A 384 -3.13 -6.46 -26.78
CA TYR A 384 -3.91 -7.37 -25.95
C TYR A 384 -3.96 -6.90 -24.50
N LEU A 385 -2.91 -6.23 -24.04
CA LEU A 385 -2.95 -5.64 -22.70
C LEU A 385 -3.95 -4.50 -22.63
N TRP A 386 -3.99 -3.65 -23.64
CA TRP A 386 -4.99 -2.57 -23.66
C TRP A 386 -6.40 -3.13 -23.73
N CYS A 387 -6.59 -4.24 -24.45
CA CYS A 387 -7.91 -4.86 -24.52
C CYS A 387 -8.31 -5.43 -23.16
N TRP A 388 -7.39 -6.15 -22.50
CA TRP A 388 -7.63 -6.63 -21.15
C TRP A 388 -8.00 -5.49 -20.21
N ALA A 389 -7.28 -4.37 -20.31
CA ALA A 389 -7.54 -3.24 -19.43
C ALA A 389 -8.92 -2.65 -19.68
N ALA A 390 -9.31 -2.52 -20.95
CA ALA A 390 -10.63 -1.99 -21.25
C ALA A 390 -11.73 -2.90 -20.74
N LEU A 391 -11.58 -4.21 -20.92
CA LEU A 391 -12.59 -5.15 -20.44
C LEU A 391 -12.70 -5.12 -18.92
N ASN A 392 -11.57 -5.03 -18.22
CA ASN A 392 -11.63 -5.01 -16.76
C ASN A 392 -12.19 -3.69 -16.24
N TRP A 393 -11.88 -2.58 -16.91
CA TRP A 393 -12.49 -1.31 -16.55
C TRP A 393 -14.00 -1.38 -16.71
N LEU A 394 -14.47 -1.97 -17.82
CA LEU A 394 -15.90 -2.11 -18.03
C LEU A 394 -16.53 -2.97 -16.94
N GLY A 395 -15.88 -4.09 -16.59
CA GLY A 395 -16.43 -4.96 -15.57
C GLY A 395 -16.53 -4.29 -14.21
N VAL A 396 -15.46 -3.59 -13.82
CA VAL A 396 -15.45 -2.90 -12.53
C VAL A 396 -16.52 -1.81 -12.51
N THR A 397 -16.65 -1.06 -13.60
CA THR A 397 -17.66 -0.01 -13.67
C THR A 397 -19.07 -0.59 -13.57
N VAL A 398 -19.34 -1.68 -14.27
CA VAL A 398 -20.69 -2.26 -14.23
C VAL A 398 -21.00 -2.79 -12.83
N GLU A 399 -20.01 -3.43 -12.19
CA GLU A 399 -20.27 -3.94 -10.85
C GLU A 399 -20.50 -2.80 -9.85
N ASN A 400 -19.71 -1.73 -9.95
CA ASN A 400 -19.92 -0.57 -9.08
C ASN A 400 -21.31 0.02 -9.30
N GLY A 401 -21.72 0.19 -10.56
CA GLY A 401 -23.03 0.73 -10.84
C GLY A 401 -24.15 -0.13 -10.28
N VAL A 402 -24.06 -1.45 -10.50
CA VAL A 402 -25.11 -2.34 -10.03
C VAL A 402 -25.17 -2.36 -8.51
N ARG A 403 -24.02 -2.34 -7.84
CA ARG A 403 -24.01 -2.34 -6.39
C ARG A 403 -24.59 -1.04 -5.84
N ARG A 404 -24.22 0.09 -6.43
CA ARG A 404 -24.78 1.36 -5.99
C ARG A 404 -26.27 1.45 -6.24
N LEU A 405 -26.75 0.84 -7.32
CA LEU A 405 -28.18 0.85 -7.59
C LEU A 405 -28.93 -0.04 -6.62
N VAL A 406 -28.35 -1.19 -6.25
CA VAL A 406 -29.01 -2.09 -5.31
C VAL A 406 -28.98 -1.56 -3.88
N GLU A 407 -27.93 -0.86 -3.47
CA GLU A 407 -27.81 -0.38 -2.11
C GLU A 407 -28.57 0.92 -1.86
N THR A 408 -29.41 1.35 -2.78
CA THR A 408 -30.28 2.49 -2.52
C THR A 408 -31.38 2.08 -1.54
N PRO A 409 -31.83 3.01 -0.69
CA PRO A 409 -32.83 2.63 0.32
C PRO A 409 -34.14 2.14 -0.25
N CYS A 410 -34.65 2.80 -1.31
CA CYS A 410 -35.94 2.42 -1.88
C CYS A 410 -35.90 0.99 -2.41
N ILE A 411 -34.97 0.71 -3.33
CA ILE A 411 -34.87 -0.62 -3.91
C ILE A 411 -34.48 -1.65 -2.86
N GLN A 412 -33.66 -1.25 -1.87
CA GLN A 412 -33.28 -2.18 -0.83
C GLN A 412 -34.47 -2.61 0.01
N ASP A 413 -35.35 -1.66 0.35
CA ASP A 413 -36.54 -2.01 1.11
C ASP A 413 -37.52 -2.81 0.26
N SER A 414 -37.63 -2.47 -1.03
CA SER A 414 -38.46 -3.27 -1.93
C SER A 414 -38.02 -4.73 -1.95
N LEU A 415 -36.72 -4.96 -2.11
CA LEU A 415 -36.20 -6.33 -2.08
C LEU A 415 -36.41 -6.98 -0.72
N ALA A 416 -36.11 -6.26 0.35
CA ALA A 416 -36.23 -6.84 1.69
C ALA A 416 -37.66 -7.16 2.07
N ARG A 417 -38.65 -6.55 1.39
CA ARG A 417 -40.04 -6.92 1.62
C ARG A 417 -40.59 -7.90 0.59
N TYR A 418 -39.95 -8.03 -0.57
CA TYR A 418 -40.45 -8.93 -1.60
C TYR A 418 -39.82 -10.32 -1.56
N PHE A 419 -38.50 -10.40 -1.35
CA PHE A 419 -37.79 -11.65 -1.50
C PHE A 419 -37.06 -12.01 -0.20
N SER A 420 -36.94 -13.31 0.03
CA SER A 420 -36.26 -13.81 1.21
C SER A 420 -34.74 -13.64 1.05
N PRO A 421 -34.00 -13.72 2.16
CA PRO A 421 -32.53 -13.69 2.04
C PRO A 421 -31.98 -14.83 1.20
N GLN A 422 -32.61 -16.00 1.21
CA GLN A 422 -32.17 -17.09 0.35
C GLN A 422 -32.33 -16.72 -1.12
N ALA A 423 -33.49 -16.19 -1.50
CA ALA A 423 -33.70 -15.79 -2.88
C ALA A 423 -32.78 -14.66 -3.29
N ARG A 424 -32.47 -13.75 -2.36
CA ARG A 424 -31.52 -12.69 -2.68
C ARG A 424 -30.12 -13.24 -2.89
N ARG A 425 -29.72 -14.21 -2.06
CA ARG A 425 -28.43 -14.86 -2.26
C ARG A 425 -28.36 -15.57 -3.61
N ARG A 426 -29.45 -16.21 -4.02
CA ARG A 426 -29.45 -16.90 -5.29
C ARG A 426 -29.40 -15.93 -6.48
N PHE A 427 -30.11 -14.80 -6.37
CA PHE A 427 -30.02 -13.79 -7.42
C PHE A 427 -28.61 -13.22 -7.51
N HIS A 428 -27.99 -12.97 -6.35
CA HIS A 428 -26.61 -12.50 -6.34
C HIS A 428 -25.67 -13.53 -6.95
N ALA A 429 -25.94 -14.82 -6.72
CA ALA A 429 -25.12 -15.86 -7.33
C ALA A 429 -25.26 -15.89 -8.84
N ALA A 430 -26.49 -15.71 -9.35
CA ALA A 430 -26.67 -15.67 -10.79
C ALA A 430 -25.93 -14.49 -11.41
N LEU A 431 -26.04 -13.31 -10.80
CA LEU A 431 -25.30 -12.16 -11.30
C LEU A 431 -23.79 -12.38 -11.21
N ALA A 432 -23.34 -13.04 -10.14
CA ALA A 432 -21.92 -13.30 -9.98
C ALA A 432 -21.41 -14.28 -11.04
N SER A 433 -22.24 -15.23 -11.47
CA SER A 433 -21.83 -16.12 -12.55
C SER A 433 -21.74 -15.36 -13.87
N CYS A 434 -22.75 -14.53 -14.15
CA CYS A 434 -22.71 -13.72 -15.37
C CYS A 434 -21.51 -12.78 -15.39
N SER A 435 -21.03 -12.36 -14.22
CA SER A 435 -19.84 -11.52 -14.18
C SER A 435 -18.55 -12.36 -14.24
N THR A 436 -18.57 -13.55 -13.65
CA THR A 436 -17.40 -14.41 -13.62
C THR A 436 -17.04 -14.89 -15.02
N SER A 437 -18.04 -15.14 -15.87
CA SER A 437 -17.73 -15.55 -17.23
C SER A 437 -16.92 -14.49 -17.96
N MET A 438 -17.30 -13.22 -17.82
CA MET A 438 -16.57 -12.14 -18.48
C MET A 438 -15.22 -11.90 -17.84
N LEU A 439 -15.12 -12.05 -16.51
CA LEU A 439 -13.81 -11.99 -15.85
C LEU A 439 -12.86 -13.03 -16.43
N ILE A 440 -13.34 -14.26 -16.58
CA ILE A 440 -12.51 -15.33 -17.12
C ILE A 440 -12.12 -15.02 -18.57
N LEU A 441 -13.05 -14.51 -19.36
CA LEU A 441 -12.73 -14.21 -20.75
C LEU A 441 -11.67 -13.10 -20.85
N SER A 442 -11.81 -12.05 -20.05
CA SER A 442 -10.82 -10.98 -20.06
C SER A 442 -9.44 -11.48 -19.65
N ASN A 443 -9.39 -12.32 -18.61
CA ASN A 443 -8.08 -12.81 -18.19
C ASN A 443 -7.51 -13.85 -19.14
N LEU A 444 -8.36 -14.53 -19.91
CA LEU A 444 -7.86 -15.36 -21.00
C LEU A 444 -7.29 -14.53 -22.12
N VAL A 445 -7.87 -13.35 -22.37
CA VAL A 445 -7.25 -12.43 -23.32
C VAL A 445 -5.89 -11.97 -22.80
N PHE A 446 -5.78 -11.79 -21.48
CA PHE A 446 -4.47 -11.44 -20.91
C PHE A 446 -3.46 -12.58 -21.07
N LEU A 447 -3.87 -13.81 -20.80
CA LEU A 447 -2.93 -14.92 -20.74
C LEU A 447 -2.58 -15.47 -22.12
N GLY A 448 -3.56 -15.56 -23.02
CA GLY A 448 -3.32 -16.16 -24.32
C GLY A 448 -3.14 -15.19 -25.45
N GLY A 449 -3.97 -14.14 -25.50
CA GLY A 449 -3.90 -13.13 -26.54
C GLY A 449 -5.25 -12.88 -27.17
N ASN A 450 -5.22 -11.97 -28.15
CA ASN A 450 -6.47 -11.55 -28.80
C ASN A 450 -7.09 -12.68 -29.61
N GLU A 451 -6.26 -13.51 -30.24
CA GLU A 451 -6.81 -14.61 -31.05
C GLU A 451 -7.46 -15.67 -30.16
N VAL A 452 -6.83 -15.99 -29.03
CA VAL A 452 -7.45 -16.89 -28.07
C VAL A 452 -8.74 -16.30 -27.53
N GLY A 453 -8.74 -15.00 -27.27
CA GLY A 453 -9.96 -14.35 -26.79
C GLY A 453 -11.11 -14.45 -27.77
N LYS A 454 -10.83 -14.14 -29.05
CA LYS A 454 -11.89 -14.23 -30.05
C LYS A 454 -12.31 -15.66 -30.31
N THR A 455 -11.38 -16.62 -30.22
CA THR A 455 -11.75 -18.02 -30.35
C THR A 455 -12.73 -18.43 -29.26
N TYR A 456 -12.41 -18.09 -28.00
CA TYR A 456 -13.29 -18.44 -26.90
C TYR A 456 -14.64 -17.75 -27.03
N TRP A 457 -14.63 -16.46 -27.36
CA TRP A 457 -15.88 -15.72 -27.53
C TRP A 457 -16.76 -16.37 -28.59
N ASN A 458 -16.20 -16.61 -29.78
CA ASN A 458 -16.97 -17.17 -30.88
C ASN A 458 -17.46 -18.57 -30.57
N ARG A 459 -16.65 -19.40 -29.91
CA ARG A 459 -17.02 -20.79 -29.72
C ARG A 459 -17.93 -21.01 -28.53
N ILE A 460 -17.94 -20.11 -27.55
CA ILE A 460 -18.78 -20.27 -26.37
C ILE A 460 -20.07 -19.45 -26.47
N PHE A 461 -19.98 -18.20 -26.91
CA PHE A 461 -21.11 -17.29 -26.83
C PHE A 461 -21.83 -17.08 -28.15
N ILE A 462 -21.23 -17.43 -29.28
CA ILE A 462 -21.81 -17.19 -30.60
C ILE A 462 -22.19 -18.50 -31.29
N GLN A 463 -21.20 -19.37 -31.53
CA GLN A 463 -21.47 -20.59 -32.29
C GLN A 463 -22.27 -21.59 -31.49
N GLY A 464 -22.07 -21.63 -30.17
CA GLY A 464 -22.79 -22.57 -29.33
C GLY A 464 -23.67 -21.91 -28.30
N TRP A 465 -24.39 -20.86 -28.72
CA TRP A 465 -25.16 -20.06 -27.76
C TRP A 465 -26.23 -20.84 -27.00
N PRO A 466 -27.16 -21.56 -27.66
CA PRO A 466 -28.34 -22.02 -26.90
C PRO A 466 -28.04 -22.93 -25.73
N TRP A 467 -27.01 -23.76 -25.82
CA TRP A 467 -26.85 -24.75 -24.76
C TRP A 467 -25.47 -24.77 -24.12
N VAL A 468 -24.42 -24.53 -24.89
CA VAL A 468 -23.08 -24.46 -24.29
C VAL A 468 -22.99 -23.28 -23.34
N THR A 469 -23.53 -22.13 -23.74
CA THR A 469 -23.52 -20.95 -22.88
C THR A 469 -24.32 -21.21 -21.61
N LEU A 470 -25.48 -21.87 -21.73
CA LEU A 470 -26.30 -22.14 -20.56
C LEU A 470 -25.63 -23.12 -19.61
N SER A 471 -24.94 -24.13 -20.15
CA SER A 471 -24.20 -25.05 -19.30
C SER A 471 -23.07 -24.36 -18.57
N VAL A 472 -22.32 -23.52 -19.29
CA VAL A 472 -21.25 -22.75 -18.66
C VAL A 472 -21.81 -21.88 -17.55
N LEU A 473 -22.95 -21.22 -17.81
CA LEU A 473 -23.51 -20.32 -16.81
C LEU A 473 -24.07 -21.09 -15.61
N GLY A 474 -24.61 -22.28 -15.81
CA GLY A 474 -25.06 -23.07 -14.66
C GLY A 474 -23.90 -23.53 -13.79
N PHE A 475 -22.84 -24.04 -14.41
CA PHE A 475 -21.66 -24.42 -13.64
C PHE A 475 -21.08 -23.22 -12.89
N LEU A 476 -21.03 -22.06 -13.56
CA LEU A 476 -20.52 -20.87 -12.90
C LEU A 476 -21.46 -20.35 -11.82
N TYR A 477 -22.77 -20.66 -11.93
CA TYR A 477 -23.71 -20.31 -10.88
C TYR A 477 -23.46 -21.12 -9.62
N CYS A 478 -23.26 -22.43 -9.77
CA CYS A 478 -22.88 -23.25 -8.61
C CYS A 478 -21.57 -22.77 -8.01
N TYR A 479 -20.56 -22.55 -8.86
CA TYR A 479 -19.27 -22.07 -8.39
C TYR A 479 -19.40 -20.72 -7.68
N SER A 480 -20.30 -19.86 -8.17
CA SER A 480 -20.50 -18.56 -7.55
C SER A 480 -21.14 -18.69 -6.18
N HIS A 481 -22.09 -19.61 -6.03
CA HIS A 481 -22.59 -19.91 -4.68
C HIS A 481 -21.45 -20.29 -3.75
N VAL A 482 -20.59 -21.20 -4.18
CA VAL A 482 -19.49 -21.63 -3.31
C VAL A 482 -18.60 -20.45 -2.94
N GLY A 483 -18.25 -19.63 -3.93
CA GLY A 483 -17.34 -18.51 -3.67
C GLY A 483 -17.96 -17.46 -2.77
N ILE A 484 -19.24 -17.14 -2.98
CA ILE A 484 -19.93 -16.17 -2.15
C ILE A 484 -20.05 -16.67 -0.72
N ALA A 485 -20.37 -17.96 -0.54
CA ALA A 485 -20.45 -18.52 0.80
C ALA A 485 -19.09 -18.51 1.50
N TRP A 486 -18.00 -18.69 0.74
CA TRP A 486 -16.69 -18.62 1.37
C TRP A 486 -16.25 -17.19 1.65
N ALA A 487 -16.72 -16.22 0.86
CA ALA A 487 -16.24 -14.85 1.00
C ALA A 487 -16.64 -14.20 2.31
N GLN A 488 -17.61 -14.76 3.03
CA GLN A 488 -18.03 -14.17 4.30
C GLN A 488 -16.96 -14.27 5.37
N THR A 489 -16.03 -15.23 5.25
CA THR A 489 -15.03 -15.44 6.27
C THR A 489 -13.93 -14.39 6.26
N TYR A 490 -13.80 -13.62 5.18
CA TYR A 490 -12.72 -12.64 5.08
C TYR A 490 -13.15 -11.26 4.62
N ALA A 491 -14.36 -11.10 4.09
CA ALA A 491 -14.79 -9.78 3.62
C ALA A 491 -15.38 -8.95 4.76
N CYS B 1 1.25 -9.41 -11.16
CA CYS B 1 1.90 -8.37 -11.93
C CYS B 1 2.72 -8.96 -13.06
N GLY B 2 3.79 -8.26 -13.45
CA GLY B 2 4.70 -8.75 -14.45
C GLY B 2 4.17 -8.58 -15.85
N PRO B 3 5.04 -8.20 -16.78
CA PRO B 3 4.61 -8.10 -18.19
C PRO B 3 4.08 -9.41 -18.75
N GLY B 4 4.78 -10.51 -18.51
CA GLY B 4 4.43 -11.78 -19.09
C GLY B 4 4.53 -11.76 -20.61
N ARG B 5 5.72 -11.45 -21.12
CA ARG B 5 5.93 -11.40 -22.55
C ARG B 5 5.90 -12.82 -23.13
N GLY B 6 5.54 -12.92 -24.40
CA GLY B 6 5.41 -14.20 -25.06
C GLY B 6 6.70 -14.73 -25.63
N PHE B 7 7.41 -13.90 -26.39
CA PHE B 7 8.70 -14.25 -26.97
C PHE B 7 8.59 -15.46 -27.90
N ILE C 21 2.48 36.34 8.58
CA ILE C 21 1.83 35.06 8.81
C ILE C 21 0.91 35.16 10.02
N GLN C 22 -0.40 34.99 9.78
CA GLN C 22 -1.39 35.06 10.84
C GLN C 22 -2.52 34.08 10.57
N LEU C 23 -3.02 33.47 11.64
CA LEU C 23 -4.19 32.60 11.59
C LEU C 23 -5.32 33.27 12.36
N VAL C 24 -6.47 33.42 11.72
CA VAL C 24 -7.62 34.10 12.28
C VAL C 24 -8.79 33.14 12.32
N GLN C 25 -9.43 33.03 13.49
CA GLN C 25 -10.54 32.10 13.68
C GLN C 25 -11.88 32.83 13.63
N SER C 26 -12.96 32.05 13.73
CA SER C 26 -14.28 32.56 13.36
C SER C 26 -14.83 33.51 14.42
N GLY C 27 -15.06 33.02 15.64
CA GLY C 27 -15.66 33.83 16.67
C GLY C 27 -16.45 33.04 17.70
N PRO C 28 -16.94 33.72 18.73
CA PRO C 28 -17.68 33.04 19.79
C PRO C 28 -18.97 32.43 19.27
N GLU C 29 -19.36 31.30 19.86
CA GLU C 29 -20.54 30.57 19.41
C GLU C 29 -21.39 30.21 20.61
N LEU C 30 -22.65 30.67 20.61
CA LEU C 30 -23.64 30.33 21.63
C LEU C 30 -24.66 29.40 21.01
N LYS C 31 -24.68 28.15 21.46
CA LYS C 31 -25.54 27.13 20.86
C LYS C 31 -26.05 26.18 21.93
N LYS C 32 -27.20 25.58 21.64
CA LYS C 32 -27.81 24.64 22.58
C LYS C 32 -27.19 23.25 22.44
N PRO C 33 -27.22 22.42 23.51
CA PRO C 33 -26.44 21.17 23.53
C PRO C 33 -26.71 20.20 22.39
N GLY C 34 -27.77 20.41 21.60
CA GLY C 34 -28.10 19.45 20.57
C GLY C 34 -27.56 19.78 19.20
N GLU C 35 -27.29 21.06 18.95
CA GLU C 35 -26.85 21.50 17.64
C GLU C 35 -25.44 21.00 17.33
N THR C 36 -25.00 21.25 16.11
CA THR C 36 -23.63 20.97 15.69
C THR C 36 -22.83 22.27 15.65
N VAL C 37 -21.53 22.16 15.35
CA VAL C 37 -20.66 23.32 15.31
C VAL C 37 -19.73 23.19 14.12
N LYS C 38 -19.46 24.31 13.47
CA LYS C 38 -18.45 24.40 12.41
C LYS C 38 -17.62 25.66 12.64
N ILE C 39 -16.35 25.47 12.98
CA ILE C 39 -15.42 26.57 13.25
C ILE C 39 -14.41 26.64 12.12
N SER C 40 -14.00 27.87 11.76
CA SER C 40 -13.12 28.10 10.63
C SER C 40 -11.83 28.78 11.08
N CYS C 41 -10.76 28.52 10.31
CA CYS C 41 -9.44 29.06 10.57
C CYS C 41 -8.85 29.48 9.24
N LYS C 42 -8.60 30.77 9.06
CA LYS C 42 -8.05 31.32 7.83
C LYS C 42 -6.59 31.70 8.06
N ALA C 43 -5.72 31.23 7.17
CA ALA C 43 -4.28 31.44 7.29
C ALA C 43 -3.79 32.33 6.17
N SER C 44 -2.96 33.32 6.51
CA SER C 44 -2.42 34.22 5.51
C SER C 44 -0.94 34.47 5.79
N GLY C 45 -0.20 34.75 4.72
CA GLY C 45 1.21 35.03 4.82
C GLY C 45 2.14 33.92 4.37
N TYR C 46 1.59 32.78 3.95
CA TYR C 46 2.42 31.65 3.54
C TYR C 46 1.59 30.76 2.61
N THR C 47 2.27 29.77 2.02
CA THR C 47 1.62 28.84 1.11
C THR C 47 0.84 27.83 1.94
N PHE C 48 -0.49 27.97 1.94
CA PHE C 48 -1.35 27.19 2.82
C PHE C 48 -1.10 25.69 2.70
N THR C 49 -0.88 25.21 1.47
CA THR C 49 -0.77 23.78 1.23
C THR C 49 0.60 23.21 1.60
N ASN C 50 1.56 24.04 2.02
CA ASN C 50 2.89 23.53 2.34
C ASN C 50 3.00 22.98 3.76
N TYR C 51 2.10 23.35 4.66
CA TYR C 51 2.22 22.98 6.06
C TYR C 51 0.90 22.41 6.57
N GLY C 52 0.99 21.53 7.56
CA GLY C 52 -0.18 20.94 8.16
C GLY C 52 -0.85 21.86 9.16
N MET C 53 -2.02 21.43 9.62
CA MET C 53 -2.83 22.21 10.54
C MET C 53 -3.34 21.32 11.66
N ASN C 54 -3.15 21.77 12.90
CA ASN C 54 -3.51 21.03 14.09
C ASN C 54 -4.59 21.78 14.87
N TRP C 55 -5.37 21.03 15.64
CA TRP C 55 -6.39 21.56 16.52
C TRP C 55 -6.08 21.19 17.96
N VAL C 56 -6.14 22.18 18.84
CA VAL C 56 -5.94 21.96 20.26
C VAL C 56 -7.17 22.49 20.98
N ARG C 57 -7.48 21.92 22.14
CA ARG C 57 -8.59 22.43 22.94
C ARG C 57 -8.15 22.63 24.38
N GLN C 58 -8.71 23.66 24.99
CA GLN C 58 -8.35 24.07 26.35
C GLN C 58 -9.65 24.26 27.13
N ALA C 59 -10.02 23.25 27.91
CA ALA C 59 -11.16 23.39 28.80
C ALA C 59 -10.85 24.38 29.91
N PRO C 60 -11.87 24.99 30.51
CA PRO C 60 -11.61 25.93 31.62
C PRO C 60 -10.88 25.29 32.79
N GLY C 61 -11.26 24.07 33.16
CA GLY C 61 -10.62 23.38 34.27
C GLY C 61 -9.63 22.32 33.83
N LYS C 62 -8.89 22.59 32.75
CA LYS C 62 -7.95 21.63 32.21
C LYS C 62 -6.90 22.41 31.42
N GLY C 63 -5.81 21.73 31.08
CA GLY C 63 -4.77 22.28 30.23
C GLY C 63 -5.03 21.97 28.77
N LEU C 64 -4.00 22.14 27.96
CA LEU C 64 -4.12 21.94 26.53
C LEU C 64 -4.28 20.45 26.21
N LYS C 65 -4.98 20.17 25.12
CA LYS C 65 -5.18 18.80 24.68
C LYS C 65 -5.22 18.75 23.16
N TRP C 66 -4.39 17.90 22.57
CA TRP C 66 -4.28 17.79 21.11
C TRP C 66 -5.42 16.93 20.59
N MET C 67 -6.17 17.46 19.62
CA MET C 67 -7.32 16.74 19.08
C MET C 67 -6.97 15.95 17.82
N GLY C 68 -6.03 16.45 17.03
CA GLY C 68 -5.65 15.79 15.80
C GLY C 68 -5.14 16.82 14.81
N TRP C 69 -4.74 16.31 13.65
CA TRP C 69 -4.25 17.19 12.58
C TRP C 69 -4.81 16.69 11.26
N ILE C 70 -4.49 17.41 10.19
CA ILE C 70 -4.95 17.07 8.85
C ILE C 70 -3.89 17.52 7.85
N ASN C 71 -3.47 16.61 6.97
CA ASN C 71 -2.55 16.94 5.90
C ASN C 71 -3.21 17.95 4.97
N THR C 72 -2.58 19.11 4.80
CA THR C 72 -3.15 20.14 3.96
C THR C 72 -2.90 19.90 2.48
N TYR C 73 -1.88 19.11 2.14
CA TYR C 73 -1.57 18.85 0.75
C TYR C 73 -2.50 17.81 0.16
N THR C 74 -2.86 16.79 0.94
CA THR C 74 -3.71 15.71 0.46
C THR C 74 -5.10 15.68 1.11
N GLY C 75 -5.34 16.51 2.12
CA GLY C 75 -6.65 16.52 2.77
C GLY C 75 -6.96 15.30 3.59
N GLU C 76 -5.94 14.66 4.16
CA GLU C 76 -6.14 13.44 4.95
C GLU C 76 -6.08 13.78 6.43
N PRO C 77 -7.18 13.68 7.17
CA PRO C 77 -7.12 13.94 8.61
C PRO C 77 -6.76 12.71 9.41
N THR C 78 -6.14 12.95 10.57
CA THR C 78 -5.93 11.92 11.58
C THR C 78 -6.30 12.52 12.93
N TYR C 79 -7.21 11.84 13.63
CA TYR C 79 -7.71 12.29 14.92
C TYR C 79 -7.08 11.47 16.03
N ALA C 80 -6.98 12.08 17.21
CA ALA C 80 -6.64 11.32 18.40
C ALA C 80 -7.74 10.32 18.70
N ASP C 81 -7.38 9.23 19.37
CA ASP C 81 -8.36 8.20 19.68
C ASP C 81 -9.51 8.74 20.51
N ASP C 82 -9.23 9.68 21.41
CA ASP C 82 -10.29 10.24 22.26
C ASP C 82 -11.28 11.05 21.42
N PHE C 83 -10.79 11.86 20.49
CA PHE C 83 -11.65 12.68 19.65
C PHE C 83 -11.88 12.02 18.29
N LYS C 84 -12.52 10.85 18.32
CA LYS C 84 -12.80 10.10 17.10
C LYS C 84 -14.28 9.77 17.02
N GLY C 85 -14.78 9.74 15.78
CA GLY C 85 -16.15 9.39 15.51
C GLY C 85 -17.11 10.56 15.41
N ARG C 86 -16.83 11.67 16.09
CA ARG C 86 -17.73 12.82 16.11
C ARG C 86 -17.17 14.05 15.42
N PHE C 87 -15.86 14.28 15.51
CA PHE C 87 -15.24 15.47 14.95
C PHE C 87 -14.77 15.19 13.53
N ALA C 88 -14.68 16.25 12.72
CA ALA C 88 -14.25 16.13 11.34
C ALA C 88 -13.53 17.39 10.91
N PHE C 89 -12.39 17.22 10.25
CA PHE C 89 -11.62 18.33 9.71
C PHE C 89 -11.81 18.39 8.20
N SER C 90 -11.79 19.61 7.66
CA SER C 90 -12.01 19.79 6.23
C SER C 90 -11.26 21.01 5.75
N LEU C 91 -11.07 21.08 4.43
CA LEU C 91 -10.27 22.12 3.79
C LEU C 91 -11.14 22.97 2.87
N GLU C 92 -10.68 24.18 2.58
CA GLU C 92 -11.29 24.99 1.53
C GLU C 92 -10.18 25.69 0.77
N THR C 93 -9.14 24.94 0.41
CA THR C 93 -7.98 25.51 -0.29
C THR C 93 -8.37 26.09 -1.64
N ALA C 98 -8.02 29.69 1.48
CA ALA C 98 -7.03 29.06 2.34
C ALA C 98 -7.55 28.94 3.77
N TYR C 99 -8.69 28.26 3.92
CA TYR C 99 -9.35 28.10 5.20
C TYR C 99 -9.48 26.63 5.55
N LEU C 100 -9.64 26.37 6.84
CA LEU C 100 -9.77 25.01 7.34
C LEU C 100 -10.84 24.97 8.41
N GLN C 101 -11.70 23.96 8.36
CA GLN C 101 -12.88 23.88 9.21
C GLN C 101 -12.85 22.65 10.11
N ILE C 102 -13.48 22.78 11.26
CA ILE C 102 -13.71 21.68 12.19
C ILE C 102 -15.21 21.60 12.47
N ASN C 103 -15.73 20.37 12.53
CA ASN C 103 -17.14 20.11 12.71
C ASN C 103 -17.33 19.06 13.79
N ASN C 104 -18.41 19.19 14.56
CA ASN C 104 -18.72 18.20 15.59
C ASN C 104 -20.18 18.29 15.99
N LEU C 105 -20.69 17.17 16.50
CA LEU C 105 -21.96 17.10 17.22
C LEU C 105 -21.67 17.17 18.71
N LYS C 106 -22.42 18.01 19.42
CA LYS C 106 -21.96 18.49 20.71
C LYS C 106 -22.32 17.55 21.87
N ASP C 107 -21.65 17.80 22.98
CA ASP C 107 -21.86 17.25 24.32
C ASP C 107 -21.50 18.35 25.30
N GLU C 108 -21.22 17.99 26.56
CA GLU C 108 -20.82 18.98 27.56
C GLU C 108 -19.33 19.28 27.45
N ASP C 109 -18.91 19.83 26.31
CA ASP C 109 -17.53 20.20 26.06
C ASP C 109 -17.48 21.70 25.74
N MET C 110 -17.16 22.51 26.75
CA MET C 110 -17.13 23.96 26.62
C MET C 110 -15.70 24.48 26.49
N ALA C 111 -14.86 23.73 25.80
CA ALA C 111 -13.45 24.10 25.67
C ALA C 111 -13.29 25.31 24.75
N THR C 112 -12.08 25.83 24.73
CA THR C 112 -11.67 26.84 23.76
C THR C 112 -10.77 26.19 22.73
N TYR C 113 -11.08 26.37 21.46
CA TYR C 113 -10.41 25.64 20.39
C TYR C 113 -9.40 26.53 19.69
N PHE C 114 -8.14 26.07 19.66
CA PHE C 114 -7.04 26.76 19.04
C PHE C 114 -6.62 26.07 17.74
N CYS C 115 -6.22 26.88 16.78
CA CYS C 115 -5.77 26.45 15.46
C CYS C 115 -4.28 26.73 15.35
N ALA C 116 -3.50 25.71 15.00
CA ALA C 116 -2.05 25.84 14.99
C ALA C 116 -1.46 25.31 13.70
N ARG C 117 -0.37 25.93 13.26
CA ARG C 117 0.39 25.46 12.11
C ARG C 117 1.56 24.61 12.58
N VAL C 118 1.84 23.53 11.86
CA VAL C 118 2.95 22.64 12.17
C VAL C 118 4.06 22.86 11.15
N TRP C 119 5.30 22.83 11.62
CA TRP C 119 6.46 23.10 10.78
C TRP C 119 6.98 21.80 10.15
N ASN C 120 7.86 21.94 9.16
CA ASN C 120 8.35 20.78 8.43
C ASN C 120 9.28 19.92 9.26
N TYR C 121 10.03 20.50 10.18
CA TYR C 121 11.05 19.73 10.89
C TYR C 121 11.41 20.42 12.20
N ASP C 122 11.77 19.59 13.19
CA ASP C 122 12.44 19.97 14.43
C ASP C 122 11.56 20.70 15.44
N TYR C 123 10.35 21.08 15.08
CA TYR C 123 9.43 21.69 16.04
C TYR C 123 8.04 21.74 15.44
N TYR C 124 7.04 21.73 16.32
CA TYR C 124 5.66 21.57 15.88
C TYR C 124 4.91 22.88 15.69
N PHE C 125 4.67 23.64 16.76
CA PHE C 125 3.67 24.71 16.71
C PHE C 125 4.35 26.07 16.75
N ASP C 126 4.63 26.61 15.56
CA ASP C 126 5.27 27.91 15.49
C ASP C 126 4.25 29.05 15.51
N TYR C 127 3.09 28.85 14.89
CA TYR C 127 2.06 29.88 14.82
C TYR C 127 0.73 29.33 15.27
N TRP C 128 0.00 30.11 16.06
CA TRP C 128 -1.30 29.75 16.61
C TRP C 128 -2.36 30.74 16.17
N GLY C 129 -3.61 30.32 16.28
CA GLY C 129 -4.74 31.20 16.08
C GLY C 129 -5.07 31.97 17.34
N GLN C 130 -6.19 32.70 17.28
CA GLN C 130 -6.63 33.49 18.41
C GLN C 130 -7.49 32.72 19.38
N GLY C 131 -8.10 31.62 18.96
CA GLY C 131 -8.96 30.83 19.82
C GLY C 131 -10.44 31.11 19.60
N THR C 132 -11.25 30.06 19.61
CA THR C 132 -12.70 30.16 19.46
C THR C 132 -13.34 29.55 20.69
N THR C 133 -14.11 30.35 21.43
CA THR C 133 -14.78 29.88 22.63
C THR C 133 -16.11 29.24 22.26
N LEU C 134 -16.38 28.06 22.81
CA LEU C 134 -17.62 27.34 22.56
C LEU C 134 -18.39 27.19 23.86
N THR C 135 -19.63 27.66 23.86
CA THR C 135 -20.55 27.52 24.98
C THR C 135 -21.70 26.62 24.57
N VAL C 136 -22.08 25.69 25.43
CA VAL C 136 -23.21 24.82 25.16
C VAL C 136 -24.45 25.20 25.97
N SER C 137 -24.30 25.92 27.07
CA SER C 137 -25.44 26.34 27.87
C SER C 137 -25.14 27.59 28.67
N VAL D 22 1.37 8.64 26.88
CA VAL D 22 2.50 9.19 27.62
C VAL D 22 2.03 10.29 28.56
N LEU D 23 2.26 10.11 29.85
CA LEU D 23 1.82 11.04 30.88
C LEU D 23 3.01 11.89 31.33
N MET D 24 2.88 13.21 31.19
CA MET D 24 3.92 14.14 31.59
C MET D 24 3.45 14.91 32.83
N THR D 25 4.26 14.87 33.88
CA THR D 25 3.95 15.55 35.13
C THR D 25 4.91 16.71 35.34
N GLN D 26 4.37 17.85 35.74
CA GLN D 26 5.16 19.06 35.94
C GLN D 26 5.25 19.41 37.42
N THR D 27 6.39 19.97 37.81
CA THR D 27 6.62 20.40 39.18
C THR D 27 7.36 21.75 39.15
N PRO D 28 6.93 22.70 39.98
CA PRO D 28 5.76 22.58 40.85
C PRO D 28 4.47 22.91 40.10
N LEU D 29 3.35 22.96 40.81
CA LEU D 29 2.09 23.31 40.15
C LEU D 29 1.97 24.81 39.97
N SER D 30 2.40 25.60 40.95
CA SER D 30 2.44 27.05 40.85
C SER D 30 3.46 27.56 41.85
N LEU D 31 4.32 28.48 41.40
CA LEU D 31 5.39 28.97 42.25
C LEU D 31 5.45 30.49 42.22
N PRO D 32 5.63 31.13 43.37
CA PRO D 32 5.85 32.59 43.40
C PRO D 32 7.32 32.91 43.17
N VAL D 33 7.55 33.97 42.40
CA VAL D 33 8.91 34.41 42.07
C VAL D 33 9.00 35.91 42.27
N SER D 34 10.17 36.39 42.69
CA SER D 34 10.44 37.82 42.76
C SER D 34 11.21 38.24 41.52
N LEU D 35 10.99 39.49 41.11
CA LEU D 35 11.59 39.98 39.88
C LEU D 35 13.12 39.95 39.99
N GLY D 36 13.73 39.07 39.20
CA GLY D 36 15.17 38.91 39.21
C GLY D 36 15.68 37.64 39.86
N ASP D 37 14.91 36.56 39.86
CA ASP D 37 15.30 35.30 40.47
C ASP D 37 15.53 34.24 39.41
N GLN D 38 16.22 33.19 39.82
CA GLN D 38 16.40 32.00 39.00
C GLN D 38 15.21 31.07 39.22
N VAL D 39 14.66 30.54 38.12
CA VAL D 39 13.50 29.68 38.18
C VAL D 39 13.80 28.40 37.42
N SER D 40 13.41 27.27 38.01
CA SER D 40 13.60 25.95 37.41
C SER D 40 12.29 25.18 37.47
N ILE D 41 11.78 24.78 36.30
CA ILE D 41 10.56 24.00 36.19
C ILE D 41 10.94 22.61 35.68
N SER D 42 10.36 21.57 36.30
CA SER D 42 10.71 20.20 35.98
C SER D 42 9.54 19.51 35.29
N CYS D 43 9.83 18.81 34.21
CA CYS D 43 8.85 17.99 33.50
C CYS D 43 9.38 16.56 33.43
N ARG D 44 8.61 15.62 33.96
CA ARG D 44 8.98 14.22 33.99
C ARG D 44 7.98 13.41 33.18
N SER D 45 8.48 12.65 32.22
CA SER D 45 7.63 11.78 31.43
C SER D 45 7.42 10.46 32.15
N SER D 46 6.49 9.67 31.62
CA SER D 46 6.28 8.32 32.15
C SER D 46 7.24 7.33 31.51
N GLN D 47 7.51 7.49 30.21
CA GLN D 47 8.46 6.64 29.50
C GLN D 47 9.48 7.49 28.75
N SER D 48 10.28 6.86 27.89
CA SER D 48 11.32 7.57 27.16
C SER D 48 10.71 8.32 25.98
N ILE D 49 11.11 9.59 25.82
CA ILE D 49 10.58 10.45 24.77
C ILE D 49 11.53 10.40 23.58
N VAL D 50 12.47 9.44 23.60
CA VAL D 50 13.38 9.28 22.46
C VAL D 50 12.62 8.66 21.30
N HIS D 51 12.72 9.30 20.14
CA HIS D 51 12.01 8.87 18.93
C HIS D 51 12.84 7.85 18.16
N SER D 52 12.20 7.19 17.20
CA SER D 52 12.90 6.23 16.35
C SER D 52 14.00 6.91 15.54
N ASN D 53 13.85 8.20 15.24
CA ASN D 53 14.89 8.93 14.53
C ASN D 53 16.20 8.98 15.30
N GLY D 54 16.15 8.84 16.63
CA GLY D 54 17.32 8.98 17.46
C GLY D 54 17.42 10.31 18.18
N ASN D 55 16.39 11.14 18.11
CA ASN D 55 16.35 12.42 18.81
C ASN D 55 14.96 12.60 19.41
N THR D 56 14.92 13.34 20.52
CA THR D 56 13.70 13.48 21.31
C THR D 56 13.06 14.85 21.05
N TYR D 57 11.75 14.84 20.81
CA TYR D 57 11.00 16.05 20.49
C TYR D 57 10.22 16.47 21.73
N LEU D 58 10.89 17.20 22.62
CA LEU D 58 10.24 17.79 23.78
C LEU D 58 10.46 19.30 23.75
N GLU D 59 9.39 20.05 23.92
CA GLU D 59 9.42 21.50 23.74
C GLU D 59 8.61 22.19 24.81
N TRP D 60 8.83 23.49 24.96
CA TRP D 60 8.25 24.30 26.01
C TRP D 60 7.43 25.44 25.43
N TYR D 61 6.24 25.65 26.00
CA TYR D 61 5.34 26.71 25.57
C TYR D 61 4.98 27.60 26.75
N LEU D 62 4.97 28.90 26.53
CA LEU D 62 4.52 29.88 27.51
C LEU D 62 3.23 30.51 27.02
N GLN D 63 2.20 30.50 27.87
CA GLN D 63 0.92 31.11 27.56
C GLN D 63 0.66 32.23 28.54
N LYS D 64 0.59 33.45 28.02
CA LYS D 64 0.19 34.62 28.80
C LYS D 64 -1.32 34.59 29.01
N PRO D 65 -1.83 35.33 30.01
CA PRO D 65 -3.27 35.28 30.28
C PRO D 65 -4.09 35.82 29.12
N GLY D 66 -5.01 35.00 28.63
CA GLY D 66 -5.97 35.44 27.64
C GLY D 66 -5.48 35.47 26.21
N GLN D 67 -4.55 34.61 25.83
CA GLN D 67 -4.08 34.55 24.45
C GLN D 67 -3.49 33.16 24.20
N SER D 68 -2.88 33.00 23.02
CA SER D 68 -2.42 31.71 22.55
C SER D 68 -1.04 31.36 23.13
N PRO D 69 -0.73 30.06 23.23
CA PRO D 69 0.61 29.67 23.67
C PRO D 69 1.66 30.07 22.64
N LYS D 70 2.90 30.16 23.12
CA LYS D 70 4.03 30.56 22.28
C LYS D 70 5.22 29.67 22.58
N LEU D 71 5.89 29.19 21.52
CA LEU D 71 7.00 28.27 21.66
C LEU D 71 8.26 29.01 22.12
N LEU D 72 8.95 28.44 23.11
CA LEU D 72 10.20 29.01 23.60
C LEU D 72 11.38 28.10 23.28
N ILE D 73 11.32 26.85 23.70
CA ILE D 73 12.33 25.84 23.41
C ILE D 73 11.67 24.75 22.58
N TYR D 74 12.33 24.31 21.52
CA TYR D 74 11.67 23.40 20.59
C TYR D 74 12.25 21.99 20.61
N ARG D 75 13.56 21.84 20.62
CA ARG D 75 14.17 20.60 21.04
C ARG D 75 14.97 20.86 22.30
N VAL D 76 15.23 19.80 23.06
CA VAL D 76 15.90 19.93 24.35
C VAL D 76 17.20 20.69 24.15
N SER D 77 17.33 21.83 24.82
CA SER D 77 18.45 22.78 24.81
C SER D 77 18.46 23.70 23.59
N ASN D 78 17.53 23.57 22.65
CA ASN D 78 17.48 24.49 21.53
C ASN D 78 16.74 25.75 21.96
N ARG D 79 16.47 26.66 21.02
CA ARG D 79 15.80 27.92 21.31
C ARG D 79 15.12 28.42 20.05
N PHE D 80 13.90 28.92 20.20
CA PHE D 80 13.17 29.47 19.07
C PHE D 80 13.76 30.82 18.69
N SER D 81 13.34 31.34 17.53
CA SER D 81 14.02 32.49 16.94
C SER D 81 13.91 33.74 17.80
N GLY D 82 12.68 34.19 18.09
CA GLY D 82 12.50 35.45 18.77
C GLY D 82 12.75 35.42 20.26
N VAL D 83 12.90 34.23 20.83
CA VAL D 83 13.06 34.05 22.28
C VAL D 83 14.33 34.75 22.74
N PRO D 84 14.34 35.36 23.94
CA PRO D 84 15.60 35.92 24.47
C PRO D 84 16.60 34.85 24.84
N ASP D 85 17.74 35.25 25.40
CA ASP D 85 18.85 34.35 25.69
C ASP D 85 18.90 33.96 27.16
N ARG D 86 17.78 34.00 27.87
CA ARG D 86 17.73 33.67 29.28
C ARG D 86 16.84 32.47 29.58
N PHE D 87 16.51 31.68 28.56
CA PHE D 87 15.55 30.57 28.69
C PHE D 87 16.22 29.22 28.46
N SER D 88 17.41 29.02 29.02
CA SER D 88 18.11 27.76 28.85
C SER D 88 17.29 26.61 29.39
N GLY D 89 17.16 25.54 28.59
CA GLY D 89 16.46 24.35 29.03
C GLY D 89 17.28 23.09 28.88
N SER D 90 17.62 22.45 29.98
CA SER D 90 18.35 21.20 29.97
C SER D 90 17.39 20.03 30.09
N GLY D 91 17.90 18.83 29.86
CA GLY D 91 17.07 17.65 30.03
C GLY D 91 17.76 16.32 29.78
N SER D 92 17.39 15.32 30.58
CA SER D 92 17.86 13.95 30.43
C SER D 92 16.95 13.22 29.46
N GLY D 93 17.07 11.89 29.42
CA GLY D 93 16.22 11.10 28.54
C GLY D 93 14.79 10.95 29.02
N THR D 94 14.54 11.17 30.31
CA THR D 94 13.18 11.10 30.83
C THR D 94 12.85 12.22 31.81
N ASP D 95 13.80 13.10 32.15
CA ASP D 95 13.57 14.22 33.03
C ASP D 95 14.12 15.47 32.37
N PHE D 96 13.36 16.56 32.38
CA PHE D 96 13.70 17.77 31.66
C PHE D 96 13.45 18.98 32.53
N THR D 97 14.22 20.04 32.27
CA THR D 97 14.18 21.23 33.12
C THR D 97 14.25 22.48 32.26
N LEU D 98 13.42 23.47 32.60
CA LEU D 98 13.46 24.78 31.98
C LEU D 98 13.93 25.80 33.01
N LYS D 99 14.84 26.67 32.59
CA LYS D 99 15.48 27.61 33.50
C LYS D 99 15.29 29.04 33.00
N ILE D 100 14.86 29.92 33.89
CA ILE D 100 14.78 31.36 33.62
C ILE D 100 15.76 32.06 34.55
N SER D 101 16.76 32.70 33.96
CA SER D 101 17.80 33.37 34.75
C SER D 101 17.26 34.60 35.46
N ARG D 102 16.71 35.54 34.70
CA ARG D 102 16.20 36.79 35.23
C ARG D 102 14.73 36.94 34.85
N VAL D 103 13.85 36.84 35.84
CA VAL D 103 12.41 37.02 35.60
C VAL D 103 12.18 38.50 35.32
N GLU D 104 11.89 38.83 34.06
CA GLU D 104 11.83 40.21 33.60
C GLU D 104 10.41 40.75 33.53
N ALA D 105 9.49 40.21 34.34
CA ALA D 105 8.11 40.67 34.50
C ALA D 105 7.25 40.44 33.27
N GLU D 106 7.83 39.97 32.16
CA GLU D 106 7.05 39.52 31.01
C GLU D 106 7.11 38.01 30.86
N ASP D 107 7.68 37.31 31.83
CA ASP D 107 7.77 35.84 31.80
C ASP D 107 6.71 35.19 32.67
N LEU D 108 5.69 35.95 33.06
CA LEU D 108 4.62 35.44 33.91
C LEU D 108 3.51 34.86 33.04
N GLY D 109 3.05 33.68 33.41
CA GLY D 109 2.06 32.95 32.65
C GLY D 109 2.05 31.49 33.05
N VAL D 110 1.62 30.65 32.12
CA VAL D 110 1.58 29.21 32.35
C VAL D 110 2.54 28.53 31.38
N TYR D 111 3.39 27.68 31.90
CA TYR D 111 4.40 26.96 31.13
C TYR D 111 3.98 25.50 30.98
N TYR D 112 3.92 25.03 29.74
CA TYR D 112 3.60 23.65 29.42
C TYR D 112 4.79 22.99 28.74
N CYS D 113 5.06 21.75 29.11
CA CYS D 113 5.96 20.90 28.34
C CYS D 113 5.13 20.04 27.39
N PHE D 114 5.73 19.70 26.25
CA PHE D 114 5.02 19.00 25.20
C PHE D 114 5.94 17.99 24.53
N GLN D 115 5.45 16.77 24.35
CA GLN D 115 6.21 15.72 23.69
C GLN D 115 5.56 15.38 22.36
N GLY D 116 6.40 15.23 21.33
CA GLY D 116 5.90 14.88 20.01
C GLY D 116 6.57 13.65 19.44
N SER D 117 6.93 12.71 20.32
CA SER D 117 7.64 11.50 19.91
C SER D 117 6.73 10.29 19.79
N HIS D 118 5.72 10.17 20.65
CA HIS D 118 4.81 9.03 20.65
C HIS D 118 3.39 9.53 20.44
N VAL D 119 2.72 9.01 19.42
CA VAL D 119 1.31 9.33 19.18
C VAL D 119 0.47 8.68 20.28
N PRO D 120 -0.49 9.40 20.89
CA PRO D 120 -0.84 10.80 20.63
C PRO D 120 0.05 11.77 21.39
N TRP D 121 0.14 13.00 20.88
CA TRP D 121 0.98 14.02 21.49
C TRP D 121 0.25 14.65 22.66
N THR D 122 0.94 14.78 23.80
CA THR D 122 0.33 15.22 25.04
C THR D 122 1.10 16.38 25.64
N PHE D 123 0.36 17.35 26.15
CA PHE D 123 0.93 18.48 26.88
C PHE D 123 1.02 18.15 28.37
N GLY D 124 1.82 18.94 29.08
CA GLY D 124 1.93 18.80 30.51
C GLY D 124 0.74 19.42 31.23
N GLY D 125 0.84 19.41 32.56
CA GLY D 125 -0.23 19.96 33.37
C GLY D 125 -0.26 21.47 33.41
N GLY D 126 0.91 22.10 33.33
CA GLY D 126 1.00 23.56 33.35
C GLY D 126 1.54 24.04 34.68
N THR D 127 2.46 24.99 34.62
CA THR D 127 3.08 25.57 35.81
C THR D 127 2.86 27.08 35.79
N LYS D 128 2.33 27.62 36.88
CA LYS D 128 1.92 29.01 36.94
C LYS D 128 2.92 29.81 37.78
N LEU D 129 3.55 30.81 37.16
CA LEU D 129 4.41 31.72 37.90
C LEU D 129 3.62 32.88 38.46
N GLU D 130 3.93 33.25 39.70
CA GLU D 130 3.28 34.37 40.36
C GLU D 130 4.34 35.23 41.04
N ILE D 131 3.92 36.40 41.50
CA ILE D 131 4.80 37.34 42.18
C ILE D 131 4.42 37.39 43.65
N LYS D 132 5.41 37.33 44.53
CA LYS D 132 5.16 37.40 45.96
C LYS D 132 5.13 38.85 46.43
#